data_8QIC
#
_entry.id   8QIC
#
_cell.length_a   85.780
_cell.length_b   110.500
_cell.length_c   113.970
_cell.angle_alpha   90.00
_cell.angle_beta   90.00
_cell.angle_gamma   90.00
#
_symmetry.space_group_name_H-M   'P 21 21 21'
#
loop_
_entity.id
_entity.type
_entity.pdbx_description
1 polymer 'Threonine--tRNA ligase'
2 non-polymer '2-oxidanyl-5-[[4-(phenylmethyl)phenyl]sulfamoyl]benzoic acid'
3 non-polymer GLYCEROL
4 non-polymer 'ZINC ION'
5 water water
#
_entity_poly.entity_id   1
_entity_poly.type   'polypeptide(L)'
_entity_poly.pdbx_seq_one_letter_code
;DHRKIGKQLDLYHMQEEAPGMVFWHNDGWTIFRELEVFVRSKLKEYQYQEVKGPFMMDRVLWEKTGHWDNYKDAMFTTSS
ENREYCIKPMNCPGHVQIFNQGLKSYRDLPLRMAEFGSCHRNEPSGSLHGLMRVRGFTQDDAHIFCTEEQIRDEVNGCIR
LVYDMYSTFGFEKIVVKLSTRPEKRIGSDEMWDRAEADLAVALEENNIPFEYQLGEGAFYGPKIEFTLYDCLDRAWQCGT
VQLDFSLPSRLSASYVGEDNERKVPVMIHRAILGSMERFIGILTEEFAGFFPTWLAPVQVVIMNITDSQSEYVNELTQKL
SNAGIRVKADLRNEKIGFKIREHTLRRVPYMLVCGDKEVESGKVAVRTRRGKDLGSMDVNEVIEKLQQEIRSRSLKQLEE
;
_entity_poly.pdbx_strand_id   A,D
#
loop_
_chem_comp.id
_chem_comp.type
_chem_comp.name
_chem_comp.formula
GOL non-polymer GLYCEROL 'C3 H8 O3'
VL0 non-polymer '2-oxidanyl-5-[[4-(phenylmethyl)phenyl]sulfamoyl]benzoic acid' 'C20 H17 N O5 S'
ZN non-polymer 'ZINC ION' 'Zn 2'
#
# COMPACT_ATOMS: atom_id res chain seq x y z
N ASP A 1 -7.01 -25.14 -10.25
CA ASP A 1 -6.17 -24.19 -11.03
C ASP A 1 -6.53 -22.73 -10.79
N HIS A 2 -5.58 -21.97 -10.20
CA HIS A 2 -5.85 -20.60 -9.81
C HIS A 2 -6.08 -19.66 -10.99
N ARG A 3 -5.60 -20.01 -12.18
CA ARG A 3 -5.81 -19.17 -13.34
C ARG A 3 -7.27 -19.16 -13.77
N LYS A 4 -7.89 -20.35 -13.82
CA LYS A 4 -9.31 -20.45 -14.14
C LYS A 4 -10.16 -19.85 -13.02
N ILE A 5 -9.85 -20.18 -11.76
CA ILE A 5 -10.61 -19.63 -10.64
C ILE A 5 -10.48 -18.11 -10.65
N GLY A 6 -9.28 -17.63 -10.98
CA GLY A 6 -9.02 -16.20 -11.04
C GLY A 6 -9.87 -15.46 -12.07
N LYS A 7 -10.06 -16.07 -13.24
CA LYS A 7 -10.93 -15.50 -14.26
C LYS A 7 -12.39 -15.53 -13.81
N GLN A 8 -12.84 -16.66 -13.26
CA GLN A 8 -14.27 -16.77 -12.97
C GLN A 8 -14.69 -15.98 -11.73
N LEU A 9 -13.75 -15.58 -10.86
CA LEU A 9 -14.05 -14.70 -9.74
C LEU A 9 -13.58 -13.26 -9.98
N ASP A 10 -12.99 -13.00 -11.15
CA ASP A 10 -12.57 -11.65 -11.51
C ASP A 10 -11.51 -11.11 -10.55
N LEU A 11 -10.52 -11.94 -10.21
CA LEU A 11 -9.48 -11.53 -9.30
C LEU A 11 -8.38 -10.75 -10.01
N TYR A 12 -7.98 -11.23 -11.19
CA TYR A 12 -6.86 -10.67 -11.91
C TYR A 12 -6.93 -11.13 -13.37
N HIS A 13 -6.09 -10.55 -14.23
CA HIS A 13 -5.86 -11.12 -15.55
C HIS A 13 -4.43 -10.82 -15.98
N MET A 14 -4.02 -11.42 -17.11
CA MET A 14 -2.70 -11.24 -17.68
C MET A 14 -2.86 -11.10 -19.19
N GLN A 15 -1.93 -10.42 -19.84
CA GLN A 15 -2.03 -10.15 -21.26
C GLN A 15 -0.64 -10.30 -21.88
N GLU A 16 -0.59 -10.62 -23.17
CA GLU A 16 0.66 -10.69 -23.92
C GLU A 16 1.47 -9.39 -23.85
N GLU A 17 0.81 -8.23 -23.90
CA GLU A 17 1.53 -6.96 -23.90
C GLU A 17 2.11 -6.61 -22.53
N ALA A 18 1.97 -7.49 -21.52
CA ALA A 18 2.77 -7.37 -20.31
C ALA A 18 3.07 -8.72 -19.67
N PRO A 19 4.02 -9.50 -20.26
CA PRO A 19 4.26 -10.88 -19.80
C PRO A 19 4.73 -10.92 -18.35
N GLY A 20 4.09 -11.79 -17.56
CA GLY A 20 4.42 -11.94 -16.15
C GLY A 20 4.05 -10.73 -15.29
N MET A 21 3.11 -9.90 -15.77
CA MET A 21 2.67 -8.74 -15.03
C MET A 21 1.19 -8.92 -14.69
N VAL A 22 0.85 -8.76 -13.41
CA VAL A 22 -0.52 -8.95 -12.94
C VAL A 22 -1.29 -7.64 -13.00
N PHE A 23 -2.47 -7.70 -13.64
CA PHE A 23 -3.50 -6.68 -13.49
C PHE A 23 -4.45 -7.16 -12.40
N TRP A 24 -4.37 -6.54 -11.21
CA TRP A 24 -5.29 -6.89 -10.13
C TRP A 24 -6.62 -6.17 -10.31
N HIS A 25 -7.69 -6.94 -10.43
CA HIS A 25 -9.03 -6.35 -10.39
C HIS A 25 -9.43 -6.07 -8.94
N ASN A 26 -10.50 -5.30 -8.77
CA ASN A 26 -10.96 -4.92 -7.45
C ASN A 26 -10.94 -6.09 -6.47
N ASP A 27 -11.49 -7.24 -6.88
CA ASP A 27 -11.67 -8.33 -5.93
C ASP A 27 -10.37 -9.03 -5.56
N GLY A 28 -9.47 -9.21 -6.54
CA GLY A 28 -8.13 -9.72 -6.22
C GLY A 28 -7.32 -8.76 -5.36
N TRP A 29 -7.40 -7.47 -5.67
CA TRP A 29 -6.71 -6.44 -4.90
C TRP A 29 -7.24 -6.39 -3.47
N THR A 30 -8.54 -6.70 -3.27
CA THR A 30 -9.06 -6.74 -1.91
C THR A 30 -8.33 -7.83 -1.11
N ILE A 31 -8.15 -8.99 -1.73
CA ILE A 31 -7.44 -10.06 -1.07
C ILE A 31 -6.02 -9.63 -0.70
N PHE A 32 -5.32 -9.11 -1.69
CA PHE A 32 -3.97 -8.59 -1.52
C PHE A 32 -3.89 -7.61 -0.36
N ARG A 33 -4.79 -6.62 -0.35
CA ARG A 33 -4.79 -5.64 0.72
C ARG A 33 -5.12 -6.26 2.07
N GLU A 34 -5.95 -7.31 2.11
CA GLU A 34 -6.21 -7.98 3.37
C GLU A 34 -4.97 -8.72 3.87
N LEU A 35 -4.20 -9.28 2.95
CA LEU A 35 -2.93 -9.87 3.33
C LEU A 35 -1.97 -8.82 3.90
N GLU A 36 -2.00 -7.60 3.36
CA GLU A 36 -1.15 -6.54 3.87
C GLU A 36 -1.53 -6.21 5.31
N VAL A 37 -2.84 -6.06 5.58
CA VAL A 37 -3.30 -5.71 6.91
C VAL A 37 -2.83 -6.78 7.89
N PHE A 38 -2.95 -8.05 7.50
CA PHE A 38 -2.56 -9.16 8.36
C PHE A 38 -1.08 -9.12 8.69
N VAL A 39 -0.27 -9.01 7.64
CA VAL A 39 1.17 -8.85 7.79
C VAL A 39 1.51 -7.68 8.73
N ARG A 40 0.89 -6.53 8.49
CA ARG A 40 1.14 -5.35 9.30
C ARG A 40 0.83 -5.55 10.78
N SER A 41 -0.19 -6.36 11.10
CA SER A 41 -0.53 -6.58 12.49
C SER A 41 0.56 -7.39 13.18
N LYS A 42 1.17 -8.30 12.42
CA LYS A 42 2.32 -9.08 12.86
C LYS A 42 3.61 -8.25 12.96
N LEU A 43 3.83 -7.36 11.99
CA LEU A 43 4.95 -6.43 12.07
C LEU A 43 4.88 -5.59 13.34
N LYS A 44 3.67 -5.22 13.75
CA LYS A 44 3.50 -4.42 14.96
C LYS A 44 3.85 -5.28 16.18
N GLU A 45 3.33 -6.51 16.19
CA GLU A 45 3.54 -7.42 17.31
C GLU A 45 4.99 -7.86 17.46
N TYR A 46 5.66 -8.14 16.34
CA TYR A 46 7.06 -8.54 16.37
C TYR A 46 8.03 -7.37 16.24
N GLN A 47 7.50 -6.13 16.31
CA GLN A 47 8.30 -4.92 16.42
C GLN A 47 9.23 -4.66 15.25
N TYR A 48 8.62 -4.58 14.07
CA TYR A 48 9.31 -4.15 12.86
C TYR A 48 9.02 -2.68 12.59
N GLN A 49 10.02 -1.96 12.08
CA GLN A 49 9.78 -0.74 11.33
C GLN A 49 9.22 -1.10 9.97
N GLU A 50 8.47 -0.18 9.34
CA GLU A 50 8.09 -0.34 7.95
C GLU A 50 8.57 0.84 7.11
N VAL A 51 9.21 0.54 5.97
CA VAL A 51 9.84 1.54 5.12
C VAL A 51 9.45 1.33 3.66
N LYS A 52 9.92 2.22 2.80
CA LYS A 52 9.69 2.11 1.37
C LYS A 52 10.89 2.68 0.62
N GLY A 53 11.58 1.81 -0.13
CA GLY A 53 12.71 2.21 -0.94
C GLY A 53 12.32 2.45 -2.39
N PRO A 54 13.13 3.20 -3.15
CA PRO A 54 12.79 3.51 -4.53
C PRO A 54 12.90 2.31 -5.47
N PHE A 55 12.16 2.38 -6.58
CA PHE A 55 12.14 1.36 -7.62
C PHE A 55 13.48 1.21 -8.35
N MET A 56 14.18 2.33 -8.53
CA MET A 56 15.34 2.38 -9.39
C MET A 56 16.52 2.91 -8.59
N MET A 57 17.69 2.32 -8.83
CA MET A 57 18.94 2.85 -8.30
C MET A 57 19.99 2.73 -9.40
N ASP A 58 21.07 3.51 -9.24
CA ASP A 58 22.17 3.54 -10.19
C ASP A 58 22.79 2.15 -10.34
N ARG A 59 23.08 1.79 -11.57
CA ARG A 59 23.77 0.55 -11.87
C ARG A 59 25.07 0.38 -11.08
N VAL A 60 25.76 1.49 -10.81
CA VAL A 60 26.99 1.45 -10.04
C VAL A 60 26.80 0.82 -8.65
N LEU A 61 25.68 1.11 -7.99
CA LEU A 61 25.39 0.51 -6.69
C LEU A 61 25.19 -1.00 -6.80
N TRP A 62 24.50 -1.46 -7.85
CA TRP A 62 24.33 -2.87 -8.10
C TRP A 62 25.61 -3.61 -8.46
N GLU A 63 26.61 -2.89 -9.00
CA GLU A 63 27.94 -3.45 -9.18
C GLU A 63 28.64 -3.65 -7.84
N LYS A 64 28.51 -2.68 -6.92
CA LYS A 64 29.10 -2.77 -5.59
C LYS A 64 28.66 -3.99 -4.80
N THR A 65 27.36 -4.32 -4.90
CA THR A 65 26.79 -5.43 -4.15
C THR A 65 27.17 -6.80 -4.71
N GLY A 66 27.55 -6.83 -6.00
CA GLY A 66 27.82 -8.08 -6.69
C GLY A 66 26.63 -8.58 -7.52
N HIS A 67 25.50 -7.87 -7.46
CA HIS A 67 24.34 -8.22 -8.28
C HIS A 67 24.64 -8.12 -9.77
N TRP A 68 25.40 -7.12 -10.20
CA TRP A 68 25.62 -6.94 -11.62
C TRP A 68 26.36 -8.17 -12.17
N ASP A 69 27.40 -8.65 -11.48
CA ASP A 69 28.08 -9.85 -11.91
C ASP A 69 27.33 -11.17 -11.70
N ASN A 70 26.52 -11.24 -10.64
CA ASN A 70 25.86 -12.48 -10.24
C ASN A 70 24.37 -12.59 -10.56
N TYR A 71 23.75 -11.48 -10.98
CA TYR A 71 22.31 -11.42 -11.14
C TYR A 71 21.87 -10.60 -12.35
N LYS A 72 22.81 -10.26 -13.22
CA LYS A 72 22.58 -9.31 -14.31
C LYS A 72 21.42 -9.67 -15.23
N ASP A 73 21.31 -10.95 -15.57
CA ASP A 73 20.39 -11.37 -16.62
C ASP A 73 18.94 -11.36 -16.15
N ALA A 74 18.73 -11.33 -14.84
CA ALA A 74 17.41 -11.17 -14.27
C ALA A 74 17.04 -9.72 -13.97
N MET A 75 17.82 -8.75 -14.47
CA MET A 75 17.61 -7.36 -14.11
C MET A 75 17.16 -6.53 -15.31
N PHE A 76 16.11 -5.73 -15.08
CA PHE A 76 15.71 -4.72 -16.03
C PHE A 76 16.56 -3.47 -15.81
N THR A 77 17.00 -2.85 -16.91
CA THR A 77 17.76 -1.61 -16.84
C THR A 77 17.07 -0.54 -17.68
N THR A 78 17.29 0.72 -17.30
CA THR A 78 16.78 1.84 -18.07
C THR A 78 17.85 2.92 -17.94
N SER A 79 17.63 4.07 -18.56
CA SER A 79 18.61 5.13 -18.47
C SER A 79 17.99 6.53 -18.46
N SER A 80 18.80 7.52 -18.04
CA SER A 80 18.42 8.92 -18.03
C SER A 80 19.69 9.74 -17.94
N GLU A 81 19.81 10.74 -18.82
CA GLU A 81 20.93 11.66 -18.80
C GLU A 81 22.28 10.95 -18.75
N ASN A 82 22.45 9.95 -19.63
CA ASN A 82 23.66 9.15 -19.80
C ASN A 82 24.11 8.38 -18.56
N ARG A 83 23.13 7.98 -17.75
CA ARG A 83 23.37 7.09 -16.62
C ARG A 83 22.36 5.94 -16.69
N GLU A 84 22.81 4.76 -16.27
CA GLU A 84 21.99 3.57 -16.28
C GLU A 84 21.45 3.26 -14.90
N TYR A 85 20.18 2.81 -14.87
CA TYR A 85 19.54 2.48 -13.61
C TYR A 85 19.00 1.06 -13.72
N CYS A 86 18.96 0.38 -12.58
CA CYS A 86 18.36 -0.93 -12.48
C CYS A 86 17.04 -0.78 -11.76
N ILE A 87 16.01 -1.47 -12.27
CA ILE A 87 14.78 -1.68 -11.54
C ILE A 87 15.10 -2.75 -10.51
N LYS A 88 14.72 -2.49 -9.24
CA LYS A 88 15.24 -3.29 -8.15
C LYS A 88 14.68 -4.70 -8.28
N PRO A 89 15.57 -5.72 -8.27
CA PRO A 89 15.14 -7.11 -8.14
C PRO A 89 14.95 -7.54 -6.69
N MET A 90 15.36 -6.68 -5.75
CA MET A 90 15.39 -6.96 -4.32
C MET A 90 15.39 -5.66 -3.52
N ASN A 91 15.04 -5.76 -2.24
CA ASN A 91 14.90 -4.57 -1.41
C ASN A 91 16.08 -4.34 -0.47
N CYS A 92 16.99 -5.32 -0.34
CA CYS A 92 18.04 -5.28 0.66
C CYS A 92 18.90 -4.03 0.52
N PRO A 93 19.47 -3.75 -0.67
CA PRO A 93 20.35 -2.58 -0.82
C PRO A 93 19.66 -1.29 -0.41
N GLY A 94 18.39 -1.14 -0.83
CA GLY A 94 17.58 -0.01 -0.40
C GLY A 94 17.52 0.14 1.13
N HIS A 95 17.30 -0.98 1.81
CA HIS A 95 17.25 -0.98 3.26
C HIS A 95 18.57 -0.59 3.91
N VAL A 96 19.69 -1.02 3.32
CA VAL A 96 20.99 -0.66 3.84
C VAL A 96 21.21 0.84 3.69
N GLN A 97 20.79 1.40 2.55
CA GLN A 97 20.87 2.85 2.33
C GLN A 97 20.14 3.59 3.45
N ILE A 98 18.96 3.09 3.84
CA ILE A 98 18.22 3.72 4.93
C ILE A 98 18.97 3.58 6.26
N PHE A 99 19.46 2.36 6.56
CA PHE A 99 20.26 2.11 7.74
C PHE A 99 21.43 3.08 7.87
N ASN A 100 22.09 3.36 6.75
CA ASN A 100 23.26 4.23 6.70
C ASN A 100 22.98 5.73 6.88
N GLN A 101 21.71 6.14 6.97
CA GLN A 101 21.41 7.51 7.35
C GLN A 101 21.42 7.63 8.87
N GLY A 102 22.33 8.46 9.39
CA GLY A 102 22.42 8.66 10.83
C GLY A 102 23.22 7.60 11.57
N LEU A 103 24.02 8.03 12.54
CA LEU A 103 24.85 7.15 13.35
C LEU A 103 23.99 6.11 14.07
N LYS A 104 24.42 4.85 13.98
CA LYS A 104 23.80 3.74 14.68
C LYS A 104 24.71 3.21 15.78
N SER A 105 24.09 2.67 16.83
CA SER A 105 24.82 1.97 17.87
C SER A 105 24.11 0.67 18.23
N TYR A 106 24.78 -0.15 19.07
CA TYR A 106 24.23 -1.41 19.54
C TYR A 106 22.85 -1.21 20.19
N ARG A 107 22.60 -0.01 20.75
CA ARG A 107 21.32 0.34 21.32
C ARG A 107 20.15 0.26 20.33
N ASP A 108 20.45 0.41 19.03
CA ASP A 108 19.46 0.32 17.98
C ASP A 108 19.19 -1.10 17.47
N LEU A 109 19.98 -2.06 17.96
CA LEU A 109 19.96 -3.41 17.43
C LEU A 109 19.33 -4.39 18.42
N PRO A 110 18.57 -5.41 17.95
CA PRO A 110 18.32 -5.64 16.54
C PRO A 110 17.37 -4.65 15.88
N LEU A 111 17.67 -4.26 14.65
CA LEU A 111 16.86 -3.30 13.92
C LEU A 111 16.15 -4.06 12.81
N ARG A 112 14.83 -4.17 12.95
CA ARG A 112 13.99 -4.93 12.03
C ARG A 112 13.26 -4.02 11.06
N MET A 113 13.56 -4.16 9.77
CA MET A 113 13.13 -3.19 8.78
C MET A 113 12.39 -3.91 7.65
N ALA A 114 11.06 -3.74 7.66
CA ALA A 114 10.15 -4.42 6.76
C ALA A 114 9.71 -3.52 5.61
N GLU A 115 9.35 -4.14 4.48
CA GLU A 115 8.87 -3.41 3.32
C GLU A 115 7.98 -4.37 2.53
N PHE A 116 6.90 -3.83 1.98
CA PHE A 116 6.17 -4.48 0.90
C PHE A 116 6.83 -4.04 -0.39
N GLY A 117 7.91 -4.71 -0.76
CA GLY A 117 8.81 -4.22 -1.78
C GLY A 117 8.49 -4.79 -3.16
N SER A 118 8.08 -3.91 -4.08
CA SER A 118 7.89 -4.27 -5.46
C SER A 118 9.22 -4.61 -6.13
N CYS A 119 9.41 -5.89 -6.46
CA CYS A 119 10.60 -6.40 -7.12
C CYS A 119 10.27 -6.70 -8.57
N HIS A 120 11.26 -6.53 -9.46
CA HIS A 120 11.11 -6.97 -10.83
C HIS A 120 12.31 -7.82 -11.22
N ARG A 121 12.02 -9.00 -11.79
CA ARG A 121 13.04 -9.92 -12.25
C ARG A 121 12.63 -10.40 -13.64
N ASN A 122 13.59 -10.35 -14.56
CA ASN A 122 13.39 -10.72 -15.94
C ASN A 122 13.50 -12.23 -16.13
N GLU A 123 12.51 -12.96 -15.61
CA GLU A 123 12.49 -14.41 -15.66
C GLU A 123 12.28 -14.83 -17.12
N PRO A 124 12.89 -15.93 -17.61
CA PRO A 124 12.59 -16.45 -18.94
C PRO A 124 11.08 -16.66 -19.14
N SER A 125 10.56 -16.21 -20.28
CA SER A 125 9.12 -16.22 -20.52
C SER A 125 8.53 -17.63 -20.44
N GLY A 126 9.32 -18.63 -20.85
CA GLY A 126 8.92 -20.02 -20.79
C GLY A 126 8.80 -20.59 -19.38
N SER A 127 9.34 -19.89 -18.37
CA SER A 127 9.22 -20.30 -16.97
C SER A 127 8.04 -19.64 -16.24
N LEU A 128 7.33 -18.73 -16.91
CA LEU A 128 6.25 -18.01 -16.27
C LEU A 128 5.05 -18.91 -16.08
N HIS A 129 4.37 -18.77 -14.93
CA HIS A 129 3.19 -19.56 -14.62
C HIS A 129 2.24 -18.80 -13.71
N GLY A 130 1.10 -18.36 -14.28
CA GLY A 130 0.07 -17.63 -13.56
C GLY A 130 0.67 -16.63 -12.58
N LEU A 131 0.21 -16.71 -11.33
CA LEU A 131 0.71 -15.87 -10.24
C LEU A 131 1.91 -16.45 -9.51
N MET A 132 2.24 -17.72 -9.79
CA MET A 132 3.27 -18.42 -9.05
C MET A 132 4.64 -17.88 -9.44
N ARG A 133 4.93 -17.81 -10.75
CA ARG A 133 6.17 -17.24 -11.24
C ARG A 133 5.88 -16.10 -12.21
N VAL A 134 6.14 -14.88 -11.72
CA VAL A 134 5.88 -13.65 -12.43
C VAL A 134 7.16 -12.84 -12.57
N ARG A 135 7.09 -11.78 -13.38
CA ARG A 135 8.18 -10.85 -13.56
C ARG A 135 8.12 -9.69 -12.57
N GLY A 136 6.90 -9.32 -12.15
CA GLY A 136 6.74 -8.22 -11.21
C GLY A 136 6.00 -8.74 -9.99
N PHE A 137 6.62 -8.66 -8.81
CA PHE A 137 5.97 -9.16 -7.61
C PHE A 137 6.33 -8.33 -6.38
N THR A 138 5.59 -8.56 -5.31
CA THR A 138 5.70 -7.77 -4.10
C THR A 138 6.06 -8.75 -3.00
N GLN A 139 7.24 -8.59 -2.41
CA GLN A 139 7.67 -9.41 -1.29
C GLN A 139 7.17 -8.76 -0.01
N ASP A 140 6.67 -9.58 0.92
CA ASP A 140 6.54 -9.16 2.31
C ASP A 140 7.91 -9.33 2.96
N ASP A 141 8.80 -8.39 2.66
CA ASP A 141 10.19 -8.53 2.93
C ASP A 141 10.62 -7.79 4.20
N ALA A 142 11.72 -8.23 4.80
CA ALA A 142 12.35 -7.43 5.85
C ALA A 142 13.83 -7.75 5.95
N HIS A 143 14.57 -6.82 6.54
CA HIS A 143 15.96 -7.11 6.85
C HIS A 143 16.23 -6.70 8.29
N ILE A 144 16.89 -7.63 9.00
CA ILE A 144 17.17 -7.47 10.41
C ILE A 144 18.66 -7.24 10.53
N PHE A 145 19.04 -6.09 11.10
CA PHE A 145 20.43 -5.77 11.38
C PHE A 145 20.65 -6.12 12.84
N CYS A 146 21.65 -6.96 13.10
CA CYS A 146 21.88 -7.42 14.46
C CYS A 146 23.36 -7.71 14.67
N THR A 147 23.72 -8.01 15.92
CA THR A 147 25.05 -8.49 16.27
C THR A 147 25.11 -9.99 16.07
N GLU A 148 26.33 -10.54 16.16
CA GLU A 148 26.58 -11.97 16.10
C GLU A 148 25.91 -12.73 17.24
N GLU A 149 25.92 -12.13 18.44
CA GLU A 149 25.32 -12.75 19.61
C GLU A 149 23.80 -12.83 19.49
N GLN A 150 23.22 -12.00 18.62
CA GLN A 150 21.78 -11.91 18.45
C GLN A 150 21.20 -12.80 17.35
N ILE A 151 22.07 -13.41 16.54
CA ILE A 151 21.61 -14.19 15.41
C ILE A 151 20.63 -15.30 15.78
N ARG A 152 20.98 -16.09 16.80
CA ARG A 152 20.15 -17.20 17.21
C ARG A 152 18.70 -16.77 17.48
N ASP A 153 18.52 -15.74 18.32
CA ASP A 153 17.18 -15.28 18.68
C ASP A 153 16.43 -14.70 17.50
N GLU A 154 17.14 -13.94 16.65
CA GLU A 154 16.51 -13.33 15.49
C GLU A 154 16.09 -14.33 14.41
N VAL A 155 16.90 -15.37 14.21
CA VAL A 155 16.52 -16.43 13.28
C VAL A 155 15.34 -17.20 13.89
N ASN A 156 15.39 -17.47 15.19
CA ASN A 156 14.25 -18.10 15.84
C ASN A 156 13.00 -17.25 15.68
N GLY A 157 13.15 -15.93 15.75
CA GLY A 157 12.02 -15.02 15.59
C GLY A 157 11.36 -15.14 14.21
N CYS A 158 12.19 -15.24 13.17
CA CYS A 158 11.70 -15.39 11.82
C CYS A 158 10.94 -16.71 11.67
N ILE A 159 11.48 -17.77 12.27
CA ILE A 159 10.85 -19.08 12.19
C ILE A 159 9.53 -19.09 12.96
N ARG A 160 9.53 -18.55 14.18
CA ARG A 160 8.31 -18.42 14.95
C ARG A 160 7.28 -17.73 14.07
N LEU A 161 7.65 -16.61 13.45
CA LEU A 161 6.72 -15.84 12.64
C LEU A 161 6.15 -16.59 11.44
N VAL A 162 6.97 -17.41 10.77
CA VAL A 162 6.46 -18.24 9.69
C VAL A 162 5.34 -19.16 10.17
N TYR A 163 5.62 -19.99 11.16
CA TYR A 163 4.62 -20.93 11.65
C TYR A 163 3.41 -20.22 12.26
N ASP A 164 3.65 -19.07 12.88
CA ASP A 164 2.56 -18.27 13.41
C ASP A 164 1.63 -17.88 12.27
N MET A 165 2.17 -17.24 11.23
CA MET A 165 1.35 -16.77 10.13
C MET A 165 0.71 -17.91 9.32
N TYR A 166 1.48 -18.96 9.04
CA TYR A 166 0.99 -20.07 8.24
C TYR A 166 -0.15 -20.85 8.91
N SER A 167 -0.15 -20.90 10.24
CA SER A 167 -1.22 -21.63 10.90
C SER A 167 -2.59 -20.97 10.72
N THR A 168 -2.63 -19.67 10.42
CA THR A 168 -3.88 -18.99 10.10
C THR A 168 -4.54 -19.54 8.83
N PHE A 169 -3.72 -19.94 7.85
CA PHE A 169 -4.21 -20.48 6.60
C PHE A 169 -4.35 -22.01 6.65
N GLY A 170 -3.83 -22.60 7.73
CA GLY A 170 -4.06 -24.00 8.03
C GLY A 170 -3.15 -24.95 7.25
N PHE A 171 -1.88 -24.58 7.08
CA PHE A 171 -0.98 -25.43 6.32
C PHE A 171 -0.43 -26.61 7.13
N GLU A 172 -0.76 -27.81 6.62
CA GLU A 172 -0.15 -29.07 7.03
C GLU A 172 0.51 -29.74 5.81
N LYS A 173 1.27 -28.96 5.04
CA LYS A 173 2.38 -29.48 4.24
C LYS A 173 3.45 -28.38 4.12
N ILE A 174 4.28 -28.28 5.17
CA ILE A 174 5.39 -27.33 5.19
C ILE A 174 6.68 -28.12 5.15
N VAL A 175 7.14 -28.40 3.92
CA VAL A 175 8.45 -28.99 3.67
C VAL A 175 9.49 -27.88 3.72
N VAL A 176 10.58 -28.12 4.43
CA VAL A 176 11.62 -27.13 4.65
C VAL A 176 12.90 -27.58 3.98
N LYS A 177 13.55 -26.67 3.25
CA LYS A 177 14.81 -26.95 2.61
C LYS A 177 15.89 -25.97 3.08
N LEU A 178 17.13 -26.47 3.15
CA LEU A 178 18.26 -25.61 3.46
C LEU A 178 19.16 -25.51 2.22
N SER A 179 19.14 -24.33 1.59
CA SER A 179 19.81 -24.12 0.32
C SER A 179 21.22 -23.60 0.58
N THR A 180 22.24 -24.38 0.21
CA THR A 180 23.62 -24.06 0.57
C THR A 180 24.37 -23.34 -0.57
N ARG A 181 25.65 -23.05 -0.33
CA ARG A 181 26.45 -22.14 -1.15
C ARG A 181 26.42 -22.48 -2.64
N PRO A 182 26.03 -21.51 -3.51
CA PRO A 182 26.11 -21.71 -4.95
C PRO A 182 27.55 -21.51 -5.43
N GLU A 183 27.81 -21.90 -6.68
CA GLU A 183 29.13 -21.83 -7.27
C GLU A 183 29.63 -20.40 -7.38
N LYS A 184 28.73 -19.50 -7.83
CA LYS A 184 28.98 -18.06 -7.84
C LYS A 184 28.38 -17.40 -6.60
N ARG A 185 29.26 -16.87 -5.75
CA ARG A 185 28.87 -16.29 -4.47
C ARG A 185 29.86 -15.24 -4.01
N ILE A 186 29.42 -14.40 -3.05
CA ILE A 186 30.29 -13.49 -2.34
C ILE A 186 30.48 -13.99 -0.90
N GLY A 187 31.49 -13.44 -0.22
CA GLY A 187 31.84 -13.83 1.13
C GLY A 187 32.83 -15.00 1.13
N SER A 188 33.53 -15.18 2.23
CA SER A 188 34.51 -16.26 2.33
C SER A 188 33.86 -17.59 2.70
N ASP A 189 34.65 -18.66 2.62
CA ASP A 189 34.18 -19.98 2.98
C ASP A 189 33.79 -20.08 4.45
N GLU A 190 34.51 -19.35 5.32
CA GLU A 190 34.29 -19.37 6.76
C GLU A 190 32.95 -18.73 7.07
N MET A 191 32.63 -17.64 6.33
CA MET A 191 31.36 -16.94 6.46
C MET A 191 30.22 -17.88 6.07
N TRP A 192 30.41 -18.62 4.97
CA TRP A 192 29.42 -19.57 4.51
C TRP A 192 29.25 -20.78 5.43
N ASP A 193 30.36 -21.31 5.97
CA ASP A 193 30.33 -22.36 6.97
C ASP A 193 29.49 -21.95 8.18
N ARG A 194 29.78 -20.75 8.71
CA ARG A 194 29.07 -20.21 9.85
C ARG A 194 27.58 -20.04 9.55
N ALA A 195 27.28 -19.46 8.38
CA ALA A 195 25.91 -19.15 8.04
C ALA A 195 25.07 -20.41 7.80
N GLU A 196 25.63 -21.40 7.13
CA GLU A 196 24.96 -22.67 6.92
C GLU A 196 24.75 -23.42 8.24
N ALA A 197 25.75 -23.37 9.12
CA ALA A 197 25.66 -24.04 10.41
C ALA A 197 24.58 -23.43 11.29
N ASP A 198 24.49 -22.09 11.30
CA ASP A 198 23.49 -21.40 12.10
C ASP A 198 22.06 -21.67 11.64
N LEU A 199 21.84 -21.68 10.32
CA LEU A 199 20.51 -21.98 9.81
C LEU A 199 20.13 -23.41 10.17
N ALA A 200 21.10 -24.32 10.09
CA ALA A 200 20.88 -25.72 10.39
C ALA A 200 20.58 -25.94 11.87
N VAL A 201 21.35 -25.25 12.73
CA VAL A 201 21.13 -25.32 14.16
C VAL A 201 19.74 -24.77 14.47
N ALA A 202 19.35 -23.68 13.81
CA ALA A 202 18.06 -23.08 14.04
C ALA A 202 16.92 -24.04 13.74
N LEU A 203 16.99 -24.72 12.59
CA LEU A 203 15.98 -25.68 12.19
C LEU A 203 15.89 -26.85 13.16
N GLU A 204 17.04 -27.30 13.65
CA GLU A 204 17.10 -28.44 14.54
C GLU A 204 16.60 -28.09 15.94
N GLU A 205 16.92 -26.89 16.42
CA GLU A 205 16.39 -26.42 17.70
C GLU A 205 14.89 -26.21 17.66
N ASN A 206 14.32 -25.94 16.48
CA ASN A 206 12.88 -25.80 16.33
C ASN A 206 12.18 -27.10 15.96
N ASN A 207 12.92 -28.21 15.99
CA ASN A 207 12.40 -29.53 15.68
C ASN A 207 11.77 -29.59 14.29
N ILE A 208 12.46 -28.98 13.31
CA ILE A 208 11.98 -28.97 11.94
C ILE A 208 12.81 -29.94 11.09
N PRO A 209 12.18 -31.00 10.52
CA PRO A 209 12.89 -31.87 9.59
C PRO A 209 13.05 -31.15 8.26
N PHE A 210 14.21 -31.32 7.61
CA PHE A 210 14.49 -30.62 6.37
C PHE A 210 15.44 -31.43 5.50
N GLU A 211 15.43 -31.13 4.20
CA GLU A 211 16.41 -31.68 3.29
C GLU A 211 17.34 -30.56 2.85
N TYR A 212 18.61 -30.90 2.63
CA TYR A 212 19.52 -29.98 1.97
C TYR A 212 19.15 -29.84 0.50
N GLN A 213 19.40 -28.65 -0.05
CA GLN A 213 19.26 -28.39 -1.47
C GLN A 213 20.58 -27.76 -1.87
N LEU A 214 21.56 -28.60 -2.21
CA LEU A 214 22.96 -28.19 -2.30
C LEU A 214 23.13 -27.28 -3.53
N GLY A 215 23.84 -26.17 -3.33
CA GLY A 215 24.11 -25.20 -4.39
C GLY A 215 22.96 -24.27 -4.77
N GLU A 216 21.82 -24.32 -4.08
CA GLU A 216 20.68 -23.48 -4.44
C GLU A 216 20.51 -22.24 -3.55
N GLY A 217 21.54 -21.90 -2.76
CA GLY A 217 21.56 -20.66 -2.03
C GLY A 217 21.71 -19.42 -2.92
N ALA A 218 21.43 -18.24 -2.35
CA ALA A 218 21.68 -16.99 -3.06
C ALA A 218 23.17 -16.69 -3.00
N PHE A 219 23.61 -15.81 -3.92
CA PHE A 219 25.02 -15.46 -4.02
C PHE A 219 25.47 -14.70 -2.77
N TYR A 220 24.50 -14.09 -2.05
CA TYR A 220 24.74 -13.35 -0.82
C TYR A 220 24.33 -14.11 0.45
N GLY A 221 23.97 -15.39 0.34
CA GLY A 221 23.77 -16.21 1.53
C GLY A 221 22.86 -17.43 1.38
N PRO A 222 22.97 -18.40 2.32
CA PRO A 222 22.13 -19.60 2.29
C PRO A 222 20.70 -19.27 2.67
N LYS A 223 19.76 -20.15 2.33
CA LYS A 223 18.35 -19.94 2.61
C LYS A 223 17.72 -21.11 3.35
N ILE A 224 16.89 -20.81 4.35
CA ILE A 224 15.84 -21.72 4.75
C ILE A 224 14.64 -21.43 3.85
N GLU A 225 14.09 -22.47 3.22
CA GLU A 225 12.96 -22.28 2.31
C GLU A 225 11.75 -23.06 2.78
N PHE A 226 10.65 -22.37 3.03
CA PHE A 226 9.40 -23.02 3.38
C PHE A 226 8.60 -23.26 2.11
N THR A 227 8.35 -24.54 1.82
CA THR A 227 7.82 -24.97 0.53
C THR A 227 6.34 -25.33 0.64
N LEU A 228 5.51 -24.70 -0.21
CA LEU A 228 4.10 -25.04 -0.30
C LEU A 228 3.82 -25.65 -1.67
N TYR A 229 2.72 -26.43 -1.73
CA TYR A 229 2.37 -27.21 -2.91
C TYR A 229 1.06 -26.73 -3.50
N ASP A 230 0.93 -26.83 -4.82
CA ASP A 230 -0.28 -26.42 -5.51
C ASP A 230 -1.12 -27.67 -5.82
N CYS A 231 -2.21 -27.51 -6.55
CA CYS A 231 -3.15 -28.60 -6.81
C CYS A 231 -2.53 -29.82 -7.51
N LEU A 232 -1.43 -29.60 -8.26
CA LEU A 232 -0.72 -30.69 -8.92
C LEU A 232 0.53 -31.13 -8.16
N ASP A 233 0.57 -30.80 -6.85
CA ASP A 233 1.68 -31.09 -5.95
C ASP A 233 3.04 -30.63 -6.47
N ARG A 234 3.07 -29.47 -7.15
CA ARG A 234 4.32 -28.80 -7.50
C ARG A 234 4.84 -27.98 -6.32
N ALA A 235 6.16 -28.01 -6.13
CA ALA A 235 6.84 -27.34 -5.02
C ALA A 235 7.08 -25.87 -5.33
N TRP A 236 6.70 -24.97 -4.42
CA TRP A 236 6.91 -23.55 -4.59
C TRP A 236 7.52 -22.94 -3.32
N GLN A 237 8.70 -22.32 -3.48
CA GLN A 237 9.36 -21.60 -2.40
C GLN A 237 8.49 -20.42 -1.99
N CYS A 238 8.10 -20.37 -0.71
CA CYS A 238 7.32 -19.26 -0.23
C CYS A 238 8.14 -18.54 0.85
N GLY A 239 7.90 -18.88 2.11
CA GLY A 239 8.70 -18.33 3.20
C GLY A 239 10.18 -18.61 3.01
N THR A 240 11.02 -17.65 3.39
CA THR A 240 12.45 -17.76 3.19
C THR A 240 13.18 -16.92 4.24
N VAL A 241 14.21 -17.53 4.84
CA VAL A 241 15.06 -16.92 5.84
C VAL A 241 16.49 -17.05 5.36
N GLN A 242 17.23 -15.94 5.30
CA GLN A 242 18.61 -15.97 4.83
C GLN A 242 19.53 -15.24 5.78
N LEU A 243 20.80 -15.64 5.78
CA LEU A 243 21.80 -15.11 6.68
C LEU A 243 22.98 -14.62 5.82
N ASP A 244 23.43 -13.39 6.09
CA ASP A 244 24.24 -12.63 5.16
C ASP A 244 25.30 -11.88 5.95
N PHE A 245 26.58 -12.21 5.75
CA PHE A 245 27.67 -11.48 6.38
C PHE A 245 28.43 -10.57 5.40
N SER A 246 27.83 -10.27 4.24
CA SER A 246 28.57 -9.70 3.14
C SER A 246 28.05 -8.39 2.54
N LEU A 247 26.73 -8.29 2.35
CA LEU A 247 26.16 -7.09 1.75
C LEU A 247 26.37 -5.83 2.60
N PRO A 248 26.16 -5.87 3.93
CA PRO A 248 26.35 -4.67 4.75
C PRO A 248 27.76 -4.10 4.62
N SER A 249 28.76 -4.99 4.65
CA SER A 249 30.14 -4.59 4.44
C SER A 249 30.35 -3.88 3.10
N ARG A 250 29.79 -4.43 2.04
CA ARG A 250 29.90 -3.85 0.71
C ARG A 250 29.21 -2.50 0.54
N LEU A 251 28.14 -2.30 1.30
CA LEU A 251 27.44 -1.03 1.31
C LEU A 251 27.85 -0.16 2.49
N SER A 252 29.00 -0.47 3.12
CA SER A 252 29.57 0.35 4.17
C SER A 252 28.64 0.58 5.36
N ALA A 253 27.82 -0.41 5.72
CA ALA A 253 27.01 -0.33 6.93
C ALA A 253 27.92 -0.50 8.15
N SER A 254 27.63 0.25 9.21
CA SER A 254 28.33 0.08 10.47
C SER A 254 27.53 0.65 11.64
N TYR A 255 27.92 0.22 12.85
CA TYR A 255 27.38 0.74 14.10
C TYR A 255 28.49 0.74 15.14
N VAL A 256 28.33 1.58 16.15
CA VAL A 256 29.26 1.66 17.26
C VAL A 256 28.84 0.66 18.34
N GLY A 257 29.74 -0.28 18.67
CA GLY A 257 29.45 -1.30 19.67
C GLY A 257 29.58 -0.76 21.10
N GLU A 258 29.51 -1.66 22.09
CA GLU A 258 29.67 -1.28 23.47
C GLU A 258 31.12 -0.91 23.79
N ASP A 259 32.04 -1.80 23.40
CA ASP A 259 33.47 -1.48 23.31
C ASP A 259 33.70 -0.06 22.82
N ASN A 260 32.90 0.35 21.81
CA ASN A 260 32.95 1.65 21.18
C ASN A 260 33.75 1.59 19.88
N GLU A 261 34.00 0.37 19.39
CA GLU A 261 34.54 0.16 18.05
C GLU A 261 33.45 0.03 16.98
N ARG A 262 33.80 0.48 15.76
CA ARG A 262 33.00 0.23 14.57
C ARG A 262 32.88 -1.27 14.34
N LYS A 263 31.64 -1.74 14.22
CA LYS A 263 31.36 -3.11 13.80
C LYS A 263 30.39 -3.08 12.62
N VAL A 264 30.52 -4.08 11.75
CA VAL A 264 29.60 -4.30 10.66
C VAL A 264 28.42 -5.13 11.15
N PRO A 265 27.16 -4.73 10.92
CA PRO A 265 26.02 -5.53 11.34
C PRO A 265 25.87 -6.79 10.50
N VAL A 266 25.42 -7.86 11.15
CA VAL A 266 24.93 -9.05 10.49
C VAL A 266 23.55 -8.71 9.91
N MET A 267 23.23 -9.29 8.76
CA MET A 267 21.93 -9.02 8.14
C MET A 267 21.17 -10.32 7.92
N ILE A 268 19.98 -10.39 8.51
CA ILE A 268 19.05 -11.47 8.22
C ILE A 268 18.03 -10.95 7.22
N HIS A 269 17.81 -11.71 6.14
CA HIS A 269 16.79 -11.41 5.15
C HIS A 269 15.63 -12.36 5.43
N ARG A 270 14.39 -11.89 5.36
CA ARG A 270 13.29 -12.84 5.39
C ARG A 270 12.02 -12.33 4.76
N ALA A 271 11.27 -13.26 4.15
CA ALA A 271 9.94 -13.02 3.63
C ALA A 271 9.05 -14.16 4.09
N ILE A 272 7.93 -13.82 4.75
CA ILE A 272 7.09 -14.82 5.39
C ILE A 272 6.18 -15.48 4.38
N LEU A 273 5.32 -14.70 3.72
CA LEU A 273 4.48 -15.21 2.64
C LEU A 273 5.29 -15.52 1.38
N GLY A 274 6.40 -14.81 1.20
CA GLY A 274 7.25 -14.92 0.02
C GLY A 274 7.04 -13.70 -0.87
N SER A 275 6.17 -13.88 -1.87
CA SER A 275 5.51 -12.79 -2.55
C SER A 275 4.01 -12.92 -2.35
N MET A 276 3.33 -11.78 -2.44
CA MET A 276 1.88 -11.70 -2.33
C MET A 276 1.25 -12.48 -3.50
N GLU A 277 1.85 -12.35 -4.69
CA GLU A 277 1.31 -12.95 -5.89
C GLU A 277 1.30 -14.46 -5.80
N ARG A 278 2.46 -15.03 -5.43
CA ARG A 278 2.58 -16.47 -5.33
C ARG A 278 1.66 -16.99 -4.22
N PHE A 279 1.76 -16.35 -3.06
CA PHE A 279 0.95 -16.78 -1.94
C PHE A 279 -0.54 -16.80 -2.30
N ILE A 280 -1.05 -15.77 -2.98
CA ILE A 280 -2.43 -15.74 -3.43
C ILE A 280 -2.78 -16.86 -4.43
N GLY A 281 -1.83 -17.22 -5.29
CA GLY A 281 -2.01 -18.37 -6.16
C GLY A 281 -2.15 -19.67 -5.38
N ILE A 282 -1.28 -19.87 -4.39
CA ILE A 282 -1.38 -21.01 -3.49
C ILE A 282 -2.72 -21.03 -2.75
N LEU A 283 -3.11 -19.90 -2.16
CA LEU A 283 -4.38 -19.82 -1.46
C LEU A 283 -5.55 -20.12 -2.38
N THR A 284 -5.55 -19.53 -3.58
CA THR A 284 -6.66 -19.72 -4.51
C THR A 284 -6.87 -21.21 -4.76
N GLU A 285 -5.76 -21.94 -4.98
CA GLU A 285 -5.85 -23.39 -5.18
C GLU A 285 -6.15 -24.14 -3.89
N GLU A 286 -5.53 -23.77 -2.78
CA GLU A 286 -5.78 -24.42 -1.51
C GLU A 286 -7.26 -24.38 -1.14
N PHE A 287 -7.91 -23.24 -1.34
CA PHE A 287 -9.31 -23.05 -0.96
C PHE A 287 -10.27 -23.24 -2.13
N ALA A 288 -9.72 -23.50 -3.31
CA ALA A 288 -10.55 -23.60 -4.51
C ALA A 288 -11.48 -22.40 -4.65
N GLY A 289 -10.99 -21.21 -4.28
CA GLY A 289 -11.76 -19.99 -4.42
C GLY A 289 -12.71 -19.68 -3.25
N PHE A 290 -12.83 -20.62 -2.30
CA PHE A 290 -13.65 -20.41 -1.12
C PHE A 290 -12.77 -19.79 -0.03
N PHE A 291 -12.40 -18.53 -0.22
CA PHE A 291 -11.58 -17.84 0.76
C PHE A 291 -12.28 -17.74 2.12
N PRO A 292 -11.54 -17.89 3.24
CA PRO A 292 -12.08 -17.60 4.57
C PRO A 292 -12.72 -16.21 4.57
N THR A 293 -13.75 -16.03 5.38
CA THR A 293 -14.52 -14.80 5.38
C THR A 293 -13.65 -13.53 5.44
N TRP A 294 -12.58 -13.55 6.25
CA TRP A 294 -11.73 -12.39 6.42
C TRP A 294 -10.98 -12.00 5.14
N LEU A 295 -10.65 -12.99 4.31
CA LEU A 295 -10.04 -12.73 3.01
C LEU A 295 -11.00 -12.47 1.86
N ALA A 296 -12.27 -12.90 1.99
CA ALA A 296 -13.19 -12.88 0.87
C ALA A 296 -13.42 -11.46 0.34
N PRO A 297 -13.33 -11.25 -0.99
CA PRO A 297 -13.56 -9.94 -1.59
C PRO A 297 -14.87 -9.29 -1.18
N VAL A 298 -15.97 -10.04 -1.37
CA VAL A 298 -17.28 -9.67 -0.87
C VAL A 298 -17.65 -10.70 0.19
N GLN A 299 -17.89 -10.23 1.41
CA GLN A 299 -18.18 -11.11 2.53
C GLN A 299 -19.66 -11.45 2.60
N VAL A 300 -20.51 -10.47 2.26
CA VAL A 300 -21.95 -10.61 2.37
C VAL A 300 -22.61 -9.97 1.16
N VAL A 301 -23.65 -10.64 0.61
CA VAL A 301 -24.54 -10.03 -0.35
C VAL A 301 -25.94 -10.06 0.25
N ILE A 302 -26.66 -8.94 0.19
CA ILE A 302 -28.04 -8.86 0.65
C ILE A 302 -28.96 -8.70 -0.56
N MET A 303 -29.98 -9.55 -0.62
CA MET A 303 -30.91 -9.60 -1.74
C MET A 303 -32.34 -9.39 -1.25
N ASN A 304 -33.14 -8.73 -2.09
CA ASN A 304 -34.58 -8.65 -1.88
C ASN A 304 -35.24 -9.64 -2.82
N ILE A 305 -36.51 -9.99 -2.54
CA ILE A 305 -37.28 -10.85 -3.41
C ILE A 305 -37.98 -9.98 -4.45
N THR A 306 -38.77 -9.00 -3.99
CA THR A 306 -39.41 -8.03 -4.87
C THR A 306 -38.89 -6.63 -4.55
N ASP A 307 -39.41 -5.64 -5.31
CA ASP A 307 -39.20 -4.23 -5.01
C ASP A 307 -39.68 -3.87 -3.59
N SER A 308 -40.67 -4.62 -3.11
CA SER A 308 -41.22 -4.39 -1.79
C SER A 308 -40.18 -4.26 -0.68
N GLN A 309 -39.04 -4.95 -0.79
CA GLN A 309 -38.05 -4.96 0.28
C GLN A 309 -36.76 -4.17 0.02
N SER A 310 -36.68 -3.42 -1.08
CA SER A 310 -35.43 -2.75 -1.44
C SER A 310 -34.97 -1.73 -0.40
N GLU A 311 -35.96 -1.07 0.20
CA GLU A 311 -35.69 -0.07 1.21
C GLU A 311 -34.96 -0.72 2.37
N TYR A 312 -35.53 -1.83 2.86
CA TYR A 312 -34.97 -2.61 3.96
C TYR A 312 -33.57 -3.13 3.63
N VAL A 313 -33.36 -3.59 2.40
CA VAL A 313 -32.06 -4.07 1.98
C VAL A 313 -31.00 -2.97 2.03
N ASN A 314 -31.37 -1.76 1.61
CA ASN A 314 -30.43 -0.64 1.61
C ASN A 314 -30.04 -0.24 3.03
N GLU A 315 -31.03 -0.20 3.93
CA GLU A 315 -30.77 0.12 5.33
C GLU A 315 -29.81 -0.90 5.92
N LEU A 316 -30.10 -2.18 5.66
CA LEU A 316 -29.27 -3.27 6.15
C LEU A 316 -27.84 -3.22 5.60
N THR A 317 -27.74 -2.93 4.30
CA THR A 317 -26.44 -2.82 3.65
C THR A 317 -25.61 -1.74 4.34
N GLN A 318 -26.27 -0.60 4.61
CA GLN A 318 -25.62 0.52 5.25
C GLN A 318 -25.10 0.10 6.63
N LYS A 319 -25.98 -0.58 7.38
CA LYS A 319 -25.67 -1.05 8.71
C LYS A 319 -24.43 -1.95 8.74
N LEU A 320 -24.42 -2.97 7.88
CA LEU A 320 -23.30 -3.90 7.80
C LEU A 320 -22.02 -3.22 7.36
N SER A 321 -22.13 -2.33 6.37
CA SER A 321 -20.98 -1.60 5.87
C SER A 321 -20.33 -0.77 6.98
N ASN A 322 -21.17 -0.15 7.82
CA ASN A 322 -20.70 0.63 8.95
C ASN A 322 -20.08 -0.22 10.06
N ALA A 323 -20.54 -1.47 10.16
CA ALA A 323 -19.94 -2.43 11.08
C ALA A 323 -18.60 -2.96 10.56
N GLY A 324 -18.19 -2.49 9.37
CA GLY A 324 -16.91 -2.85 8.80
C GLY A 324 -16.89 -4.14 7.96
N ILE A 325 -18.07 -4.59 7.52
CA ILE A 325 -18.15 -5.75 6.64
C ILE A 325 -18.20 -5.40 5.15
N ARG A 326 -17.45 -6.13 4.33
CA ARG A 326 -17.52 -5.93 2.89
C ARG A 326 -18.84 -6.48 2.36
N VAL A 327 -19.80 -5.58 2.12
CA VAL A 327 -21.16 -5.98 1.80
C VAL A 327 -21.65 -5.33 0.52
N LYS A 328 -22.48 -6.07 -0.23
CA LYS A 328 -23.14 -5.56 -1.41
C LYS A 328 -24.64 -5.87 -1.38
N ALA A 329 -25.43 -4.92 -1.86
CA ALA A 329 -26.85 -5.13 -2.10
C ALA A 329 -27.01 -5.65 -3.52
N ASP A 330 -27.96 -6.56 -3.71
CA ASP A 330 -28.31 -7.00 -5.04
C ASP A 330 -29.81 -6.76 -5.22
N LEU A 331 -30.13 -5.61 -5.81
CA LEU A 331 -31.50 -5.19 -6.01
C LEU A 331 -32.02 -5.39 -7.44
N ARG A 332 -31.29 -6.15 -8.26
CA ARG A 332 -31.69 -6.33 -9.66
C ARG A 332 -33.09 -6.92 -9.73
N ASN A 333 -33.81 -6.59 -10.79
CA ASN A 333 -35.10 -7.20 -11.06
C ASN A 333 -34.84 -8.59 -11.65
N GLU A 334 -34.37 -9.49 -10.79
CA GLU A 334 -34.13 -10.88 -11.14
C GLU A 334 -34.83 -11.75 -10.08
N LYS A 335 -35.23 -12.96 -10.46
CA LYS A 335 -35.73 -13.93 -9.51
C LYS A 335 -34.67 -14.18 -8.43
N ILE A 336 -35.12 -14.29 -7.17
CA ILE A 336 -34.22 -14.45 -6.04
C ILE A 336 -33.30 -15.65 -6.21
N GLY A 337 -33.87 -16.78 -6.67
CA GLY A 337 -33.12 -17.99 -6.95
C GLY A 337 -31.97 -17.78 -7.93
N PHE A 338 -32.19 -16.91 -8.91
CA PHE A 338 -31.17 -16.52 -9.86
C PHE A 338 -30.05 -15.79 -9.14
N LYS A 339 -30.41 -14.86 -8.26
CA LYS A 339 -29.43 -14.05 -7.56
C LYS A 339 -28.56 -14.87 -6.63
N ILE A 340 -29.21 -15.79 -5.90
CA ILE A 340 -28.51 -16.61 -4.94
C ILE A 340 -27.49 -17.48 -5.66
N ARG A 341 -27.87 -18.02 -6.82
CA ARG A 341 -26.98 -18.87 -7.58
C ARG A 341 -25.74 -18.10 -8.01
N GLU A 342 -25.93 -16.85 -8.42
CA GLU A 342 -24.82 -16.06 -8.92
C GLU A 342 -23.76 -15.82 -7.85
N HIS A 343 -24.21 -15.46 -6.64
CA HIS A 343 -23.31 -15.11 -5.55
C HIS A 343 -22.71 -16.36 -4.91
N THR A 344 -23.44 -17.48 -5.03
CA THR A 344 -22.89 -18.76 -4.62
C THR A 344 -21.72 -19.17 -5.51
N LEU A 345 -21.91 -19.06 -6.83
CA LEU A 345 -20.85 -19.32 -7.79
C LEU A 345 -19.66 -18.40 -7.59
N ARG A 346 -19.89 -17.18 -7.11
CA ARG A 346 -18.78 -16.28 -6.81
C ARG A 346 -18.19 -16.48 -5.42
N ARG A 347 -18.69 -17.46 -4.68
CA ARG A 347 -18.11 -17.89 -3.41
C ARG A 347 -18.18 -16.80 -2.35
N VAL A 348 -19.25 -16.00 -2.40
CA VAL A 348 -19.58 -15.08 -1.32
C VAL A 348 -19.93 -15.92 -0.10
N PRO A 349 -19.19 -15.76 1.03
CA PRO A 349 -19.46 -16.52 2.25
C PRO A 349 -20.94 -16.57 2.66
N TYR A 350 -21.59 -15.40 2.74
CA TYR A 350 -22.94 -15.29 3.28
C TYR A 350 -23.89 -14.50 2.39
N MET A 351 -25.10 -15.04 2.25
CA MET A 351 -26.15 -14.47 1.42
C MET A 351 -27.37 -14.23 2.29
N LEU A 352 -27.75 -12.95 2.40
CA LEU A 352 -28.86 -12.55 3.23
C LEU A 352 -30.07 -12.26 2.34
N VAL A 353 -31.16 -12.94 2.63
CA VAL A 353 -32.38 -12.81 1.85
C VAL A 353 -33.42 -12.11 2.71
N CYS A 354 -34.14 -11.19 2.09
CA CYS A 354 -35.11 -10.35 2.77
C CYS A 354 -36.44 -10.45 2.06
N GLY A 355 -37.37 -11.21 2.65
CA GLY A 355 -38.75 -11.27 2.19
C GLY A 355 -39.64 -10.46 3.12
N ASP A 356 -40.94 -10.47 2.86
CA ASP A 356 -41.82 -9.64 3.67
C ASP A 356 -41.67 -9.97 5.15
N LYS A 357 -41.49 -11.26 5.49
CA LYS A 357 -41.46 -11.65 6.89
C LYS A 357 -40.21 -11.15 7.60
N GLU A 358 -39.07 -11.11 6.89
CA GLU A 358 -37.84 -10.59 7.46
C GLU A 358 -37.98 -9.10 7.74
N VAL A 359 -38.60 -8.39 6.79
CA VAL A 359 -38.88 -6.98 6.94
C VAL A 359 -39.69 -6.77 8.22
N GLU A 360 -40.89 -7.39 8.27
CA GLU A 360 -41.80 -7.25 9.39
C GLU A 360 -41.19 -7.51 10.76
N SER A 361 -40.16 -8.36 10.81
CA SER A 361 -39.62 -8.82 12.08
C SER A 361 -38.24 -8.24 12.41
N GLY A 362 -37.68 -7.44 11.48
CA GLY A 362 -36.31 -6.96 11.61
C GLY A 362 -35.29 -8.10 11.61
N LYS A 363 -35.61 -9.18 10.90
CA LYS A 363 -34.75 -10.36 10.82
C LYS A 363 -34.16 -10.48 9.42
N VAL A 364 -33.32 -11.49 9.21
CA VAL A 364 -32.75 -11.75 7.90
C VAL A 364 -32.49 -13.24 7.72
N ALA A 365 -32.81 -13.77 6.53
CA ALA A 365 -32.58 -15.18 6.24
C ALA A 365 -31.17 -15.38 5.69
N VAL A 366 -30.39 -16.27 6.32
CA VAL A 366 -28.99 -16.47 6.00
C VAL A 366 -28.73 -17.82 5.33
N ARG A 367 -28.01 -17.79 4.21
CA ARG A 367 -27.47 -19.02 3.64
C ARG A 367 -26.02 -18.81 3.28
N THR A 368 -25.30 -19.92 3.07
CA THR A 368 -23.89 -19.85 2.73
C THR A 368 -23.63 -20.39 1.33
N ARG A 369 -22.44 -20.06 0.83
CA ARG A 369 -21.96 -20.56 -0.44
C ARG A 369 -21.82 -22.09 -0.54
N ARG A 370 -21.93 -22.80 0.60
CA ARG A 370 -21.93 -24.24 0.62
C ARG A 370 -23.33 -24.84 0.51
N GLY A 371 -24.36 -23.98 0.46
CA GLY A 371 -25.73 -24.42 0.46
C GLY A 371 -26.27 -24.73 1.86
N LYS A 372 -25.58 -24.21 2.90
CA LYS A 372 -26.09 -24.35 4.26
C LYS A 372 -27.10 -23.25 4.57
N ASP A 373 -28.25 -23.64 5.11
CA ASP A 373 -29.34 -22.73 5.36
C ASP A 373 -29.46 -22.50 6.86
N LEU A 374 -29.08 -21.30 7.31
CA LEU A 374 -29.02 -20.99 8.73
C LEU A 374 -30.32 -20.43 9.30
N GLY A 375 -31.37 -20.35 8.47
CA GLY A 375 -32.66 -19.80 8.86
C GLY A 375 -32.66 -18.28 9.00
N SER A 376 -33.76 -17.76 9.54
CA SER A 376 -33.88 -16.36 9.94
C SER A 376 -33.10 -16.09 11.22
N MET A 377 -32.38 -14.96 11.26
CA MET A 377 -31.76 -14.56 12.52
C MET A 377 -31.78 -13.06 12.72
N ASP A 378 -31.71 -12.69 14.01
CA ASP A 378 -31.59 -11.32 14.45
C ASP A 378 -30.39 -10.69 13.74
N VAL A 379 -30.55 -9.45 13.28
CA VAL A 379 -29.51 -8.79 12.52
C VAL A 379 -28.26 -8.52 13.36
N ASN A 380 -28.43 -7.98 14.56
CA ASN A 380 -27.30 -7.67 15.43
C ASN A 380 -26.44 -8.89 15.75
N GLU A 381 -27.10 -10.04 15.88
CA GLU A 381 -26.41 -11.31 16.09
C GLU A 381 -25.57 -11.67 14.88
N VAL A 382 -26.14 -11.56 13.67
CA VAL A 382 -25.40 -11.81 12.44
C VAL A 382 -24.18 -10.91 12.37
N ILE A 383 -24.38 -9.60 12.63
CA ILE A 383 -23.27 -8.65 12.64
C ILE A 383 -22.18 -9.04 13.63
N GLU A 384 -22.59 -9.36 14.86
CA GLU A 384 -21.67 -9.67 15.94
C GLU A 384 -20.79 -10.84 15.56
N LYS A 385 -21.42 -11.87 14.98
CA LYS A 385 -20.74 -13.11 14.63
C LYS A 385 -19.85 -12.97 13.40
N LEU A 386 -20.31 -12.20 12.41
CA LEU A 386 -19.49 -11.87 11.25
C LEU A 386 -18.21 -11.18 11.72
N GLN A 387 -18.34 -10.23 12.65
CA GLN A 387 -17.20 -9.49 13.16
C GLN A 387 -16.23 -10.39 13.92
N GLN A 388 -16.78 -11.36 14.66
CA GLN A 388 -15.96 -12.31 15.38
C GLN A 388 -15.18 -13.21 14.42
N GLU A 389 -15.88 -13.71 13.39
CA GLU A 389 -15.27 -14.56 12.38
C GLU A 389 -14.15 -13.81 11.64
N ILE A 390 -14.32 -12.50 11.41
CA ILE A 390 -13.35 -11.68 10.73
C ILE A 390 -12.15 -11.29 11.59
N ARG A 391 -12.41 -10.80 12.80
CA ARG A 391 -11.39 -10.43 13.77
C ARG A 391 -10.48 -11.60 14.12
N SER A 392 -11.05 -12.80 14.32
CA SER A 392 -10.26 -13.98 14.63
C SER A 392 -9.61 -14.64 13.41
N ARG A 393 -9.92 -14.13 12.21
CA ARG A 393 -9.40 -14.69 10.96
C ARG A 393 -9.57 -16.21 10.93
N SER A 394 -10.77 -16.68 11.25
CA SER A 394 -11.02 -18.11 11.35
C SER A 394 -11.11 -18.76 9.96
N LEU A 395 -10.58 -19.98 9.89
CA LEU A 395 -10.61 -20.79 8.68
C LEU A 395 -12.01 -21.24 8.26
N LYS A 396 -12.84 -21.56 9.26
CA LYS A 396 -14.14 -22.16 9.04
C LYS A 396 -15.25 -21.16 9.38
N GLN A 397 -16.36 -21.27 8.66
CA GLN A 397 -17.47 -20.35 8.82
C GLN A 397 -18.33 -20.67 10.06
N LEU A 398 -19.26 -19.75 10.34
CA LEU A 398 -20.59 -20.06 10.85
C LEU A 398 -21.21 -21.13 9.95
N GLU A 399 -21.45 -22.33 10.50
CA GLU A 399 -21.84 -23.51 9.74
C GLU A 399 -20.82 -24.60 10.10
N GLU A 400 -19.99 -24.99 9.13
CA GLU A 400 -18.84 -25.84 9.39
C GLU A 400 -18.03 -25.32 10.59
N ASP B 1 10.70 25.09 4.83
CA ASP B 1 11.29 24.23 3.77
C ASP B 1 11.23 22.75 4.14
N HIS B 2 10.47 21.98 3.34
CA HIS B 2 10.19 20.59 3.68
C HIS B 2 11.42 19.68 3.65
N ARG B 3 12.46 20.08 2.92
CA ARG B 3 13.67 19.28 2.88
C ARG B 3 14.42 19.29 4.21
N LYS B 4 14.55 20.48 4.81
CA LYS B 4 15.18 20.61 6.12
C LYS B 4 14.30 19.93 7.18
N ILE B 5 12.99 20.21 7.16
CA ILE B 5 12.10 19.61 8.14
C ILE B 5 12.11 18.10 7.98
N GLY B 6 12.19 17.63 6.73
CA GLY B 6 12.26 16.21 6.43
C GLY B 6 13.48 15.51 7.03
N LYS B 7 14.64 16.16 7.01
CA LYS B 7 15.82 15.62 7.65
C LYS B 7 15.69 15.64 9.18
N GLN B 8 15.18 16.75 9.73
CA GLN B 8 15.06 16.94 11.17
C GLN B 8 14.06 15.98 11.83
N LEU B 9 13.06 15.53 11.07
CA LEU B 9 12.11 14.54 11.55
C LEU B 9 12.36 13.13 11.03
N ASP B 10 13.39 12.97 10.18
CA ASP B 10 13.81 11.66 9.69
C ASP B 10 12.68 11.01 8.88
N LEU B 11 12.06 11.79 7.99
CA LEU B 11 10.93 11.31 7.22
C LEU B 11 11.40 10.57 5.98
N TYR B 12 12.43 11.10 5.32
CA TYR B 12 12.89 10.54 4.06
C TYR B 12 14.31 11.01 3.81
N HIS B 13 14.96 10.45 2.77
CA HIS B 13 16.18 11.04 2.26
C HIS B 13 16.27 10.77 0.75
N MET B 14 17.24 11.41 0.11
CA MET B 14 17.47 11.27 -1.32
C MET B 14 18.97 11.16 -1.51
N GLN B 15 19.39 10.49 -2.59
CA GLN B 15 20.79 10.25 -2.85
C GLN B 15 21.08 10.46 -4.33
N GLU B 16 22.32 10.83 -4.65
CA GLU B 16 22.75 10.95 -6.04
C GLU B 16 22.52 9.70 -6.87
N GLU B 17 22.73 8.52 -6.29
CA GLU B 17 22.56 7.27 -7.02
C GLU B 17 21.11 6.96 -7.40
N ALA B 18 20.16 7.82 -6.99
CA ALA B 18 18.79 7.71 -7.44
C ALA B 18 18.08 9.05 -7.50
N PRO B 19 18.41 9.94 -8.47
CA PRO B 19 17.87 11.28 -8.50
C PRO B 19 16.35 11.28 -8.62
N GLY B 20 15.70 12.09 -7.78
CA GLY B 20 14.26 12.19 -7.77
C GLY B 20 13.55 10.93 -7.28
N MET B 21 14.26 10.08 -6.52
CA MET B 21 13.68 8.88 -5.97
C MET B 21 13.69 9.00 -4.45
N VAL B 22 12.53 8.80 -3.83
CA VAL B 22 12.39 8.95 -2.39
C VAL B 22 12.66 7.64 -1.68
N PHE B 23 13.56 7.68 -0.69
CA PHE B 23 13.67 6.64 0.33
C PHE B 23 12.83 7.06 1.53
N TRP B 24 11.65 6.45 1.72
CA TRP B 24 10.82 6.77 2.89
C TRP B 24 11.31 6.02 4.13
N HIS B 25 11.70 6.78 5.17
CA HIS B 25 12.00 6.18 6.46
C HIS B 25 10.70 5.85 7.20
N ASN B 26 10.81 5.04 8.25
CA ASN B 26 9.65 4.64 9.03
C ASN B 26 8.66 5.77 9.29
N ASP B 27 9.17 6.92 9.73
CA ASP B 27 8.28 7.99 10.16
C ASP B 27 7.59 8.70 8.98
N GLY B 28 8.30 8.92 7.88
CA GLY B 28 7.66 9.44 6.68
C GLY B 28 6.66 8.46 6.06
N TRP B 29 7.02 7.17 6.05
CA TRP B 29 6.13 6.13 5.57
C TRP B 29 4.87 6.04 6.43
N THR B 30 4.98 6.34 7.73
CA THR B 30 3.79 6.37 8.57
C THR B 30 2.81 7.43 8.09
N ILE B 31 3.34 8.61 7.75
CA ILE B 31 2.51 9.68 7.24
C ILE B 31 1.81 9.22 5.96
N PHE B 32 2.63 8.74 5.02
CA PHE B 32 2.16 8.21 3.75
C PHE B 32 1.03 7.20 3.96
N ARG B 33 1.25 6.23 4.83
CA ARG B 33 0.26 5.20 5.07
C ARG B 33 -1.00 5.77 5.70
N GLU B 34 -0.87 6.81 6.53
CA GLU B 34 -2.04 7.44 7.11
C GLU B 34 -2.85 8.14 6.02
N LEU B 35 -2.15 8.74 5.06
CA LEU B 35 -2.84 9.35 3.93
C LEU B 35 -3.60 8.30 3.12
N GLU B 36 -3.02 7.10 2.98
CA GLU B 36 -3.69 6.04 2.25
C GLU B 36 -5.00 5.66 2.93
N VAL B 37 -4.96 5.48 4.26
CA VAL B 37 -6.13 5.06 5.01
C VAL B 37 -7.23 6.09 4.82
N PHE B 38 -6.86 7.37 4.87
CA PHE B 38 -7.82 8.45 4.74
C PHE B 38 -8.49 8.44 3.36
N VAL B 39 -7.65 8.38 2.33
CA VAL B 39 -8.14 8.26 0.97
C VAL B 39 -9.08 7.06 0.81
N ARG B 40 -8.66 5.90 1.33
CA ARG B 40 -9.46 4.70 1.23
C ARG B 40 -10.84 4.85 1.85
N SER B 41 -10.95 5.63 2.94
CA SER B 41 -12.23 5.78 3.59
C SER B 41 -13.18 6.60 2.71
N LYS B 42 -12.61 7.54 1.95
CA LYS B 42 -13.33 8.31 0.96
C LYS B 42 -13.71 7.52 -0.29
N LEU B 43 -12.78 6.65 -0.75
CA LEU B 43 -13.09 5.74 -1.84
C LEU B 43 -14.30 4.86 -1.51
N LYS B 44 -14.40 4.45 -0.24
CA LYS B 44 -15.50 3.61 0.19
C LYS B 44 -16.80 4.41 0.14
N GLU B 45 -16.74 5.64 0.66
CA GLU B 45 -17.90 6.50 0.75
C GLU B 45 -18.41 6.93 -0.62
N TYR B 46 -17.47 7.27 -1.53
CA TYR B 46 -17.87 7.71 -2.86
C TYR B 46 -17.91 6.55 -3.87
N GLN B 47 -17.82 5.30 -3.39
CA GLN B 47 -18.12 4.13 -4.21
C GLN B 47 -17.14 3.91 -5.35
N TYR B 48 -15.85 3.86 -5.01
CA TYR B 48 -14.82 3.53 -5.96
C TYR B 48 -14.41 2.07 -5.77
N GLN B 49 -14.11 1.40 -6.88
CA GLN B 49 -13.32 0.18 -6.84
C GLN B 49 -11.87 0.56 -6.59
N GLU B 50 -11.07 -0.35 -6.02
CA GLU B 50 -9.63 -0.16 -5.99
C GLU B 50 -8.91 -1.31 -6.71
N VAL B 51 -7.99 -0.94 -7.62
CA VAL B 51 -7.27 -1.90 -8.44
C VAL B 51 -5.78 -1.63 -8.39
N LYS B 52 -5.03 -2.49 -9.10
CA LYS B 52 -3.60 -2.32 -9.24
C LYS B 52 -3.18 -2.83 -10.61
N GLY B 53 -2.62 -1.94 -11.43
CA GLY B 53 -2.09 -2.31 -12.74
C GLY B 53 -0.58 -2.51 -12.71
N PRO B 54 0.01 -3.15 -13.74
CA PRO B 54 1.44 -3.46 -13.72
C PRO B 54 2.31 -2.23 -13.95
N PHE B 55 3.58 -2.31 -13.53
CA PHE B 55 4.55 -1.25 -13.72
C PHE B 55 4.92 -1.01 -15.18
N MET B 56 4.94 -2.08 -15.96
CA MET B 56 5.48 -2.05 -17.32
C MET B 56 4.42 -2.57 -18.28
N MET B 57 4.34 -1.96 -19.45
CA MET B 57 3.59 -2.51 -20.56
C MET B 57 4.39 -2.31 -21.83
N ASP B 58 4.01 -3.07 -22.87
CA ASP B 58 4.71 -3.09 -24.14
C ASP B 58 4.65 -1.71 -24.77
N ARG B 59 5.76 -1.31 -25.37
CA ARG B 59 5.85 -0.07 -26.11
C ARG B 59 4.76 0.07 -27.17
N VAL B 60 4.34 -1.05 -27.77
CA VAL B 60 3.26 -1.04 -28.74
C VAL B 60 1.98 -0.39 -28.20
N LEU B 61 1.63 -0.68 -26.94
CA LEU B 61 0.43 -0.13 -26.34
C LEU B 61 0.58 1.38 -26.13
N TRP B 62 1.76 1.83 -25.70
CA TRP B 62 2.03 3.25 -25.53
C TRP B 62 2.07 4.04 -26.84
N GLU B 63 2.36 3.35 -27.95
CA GLU B 63 2.21 3.94 -29.27
C GLU B 63 0.74 4.14 -29.63
N LYS B 64 -0.10 3.15 -29.32
CA LYS B 64 -1.52 3.21 -29.60
C LYS B 64 -2.22 4.36 -28.88
N THR B 65 -1.80 4.68 -27.65
CA THR B 65 -2.40 5.76 -26.87
C THR B 65 -1.98 7.15 -27.34
N GLY B 66 -0.82 7.24 -28.01
CA GLY B 66 -0.25 8.52 -28.38
C GLY B 66 0.82 9.02 -27.42
N HIS B 67 1.07 8.26 -26.33
CA HIS B 67 2.13 8.60 -25.41
C HIS B 67 3.51 8.57 -26.06
N TRP B 68 3.74 7.59 -26.92
CA TRP B 68 5.06 7.47 -27.53
C TRP B 68 5.38 8.75 -28.30
N ASP B 69 4.42 9.22 -29.11
CA ASP B 69 4.63 10.41 -29.91
C ASP B 69 4.62 11.71 -29.09
N ASN B 70 3.80 11.77 -28.03
CA ASN B 70 3.58 12.99 -27.27
C ASN B 70 4.25 13.08 -25.90
N TYR B 71 4.81 11.96 -25.42
CA TYR B 71 5.29 11.88 -24.06
C TYR B 71 6.59 11.09 -23.94
N LYS B 72 7.24 10.82 -25.08
CA LYS B 72 8.40 9.95 -25.15
C LYS B 72 9.54 10.35 -24.21
N ASP B 73 9.83 11.66 -24.15
CA ASP B 73 11.00 12.15 -23.43
C ASP B 73 10.90 12.00 -21.91
N ALA B 74 9.66 11.89 -21.42
CA ALA B 74 9.40 11.68 -20.01
C ALA B 74 9.23 10.22 -19.63
N MET B 75 9.58 9.29 -20.54
CA MET B 75 9.33 7.88 -20.31
C MET B 75 10.62 7.09 -20.15
N PHE B 76 10.67 6.27 -19.12
CA PHE B 76 11.69 5.27 -18.97
C PHE B 76 11.29 4.04 -19.77
N THR B 77 12.27 3.45 -20.48
CA THR B 77 12.03 2.27 -21.27
C THR B 77 13.03 1.17 -20.88
N THR B 78 12.68 -0.09 -21.12
CA THR B 78 13.53 -1.21 -20.78
C THR B 78 13.18 -2.28 -21.79
N SER B 79 13.87 -3.42 -21.73
CA SER B 79 13.59 -4.46 -22.70
C SER B 79 13.79 -5.86 -22.12
N SER B 80 13.17 -6.83 -22.80
CA SER B 80 13.32 -8.24 -22.47
C SER B 80 12.98 -9.04 -23.72
N GLU B 81 13.87 -9.98 -24.06
CA GLU B 81 13.64 -10.89 -25.16
C GLU B 81 13.25 -10.16 -26.44
N ASN B 82 14.03 -9.11 -26.77
CA ASN B 82 13.89 -8.30 -27.98
C ASN B 82 12.56 -7.56 -28.10
N ARG B 83 11.97 -7.21 -26.95
CA ARG B 83 10.78 -6.39 -26.91
C ARG B 83 11.04 -5.25 -25.94
N GLU B 84 10.50 -4.07 -26.24
CA GLU B 84 10.64 -2.88 -25.45
C GLU B 84 9.41 -2.64 -24.57
N TYR B 85 9.64 -2.20 -23.34
CA TYR B 85 8.58 -1.92 -22.41
C TYR B 85 8.79 -0.52 -21.87
N CYS B 86 7.67 0.14 -21.53
CA CYS B 86 7.71 1.43 -20.89
C CYS B 86 7.29 1.25 -19.44
N ILE B 87 8.04 1.89 -18.54
CA ILE B 87 7.61 2.00 -17.16
C ILE B 87 6.50 3.05 -17.15
N LYS B 88 5.39 2.74 -16.47
CA LYS B 88 4.18 3.53 -16.67
C LYS B 88 4.40 4.93 -16.12
N PRO B 89 4.16 5.97 -16.95
CA PRO B 89 4.11 7.34 -16.47
C PRO B 89 2.73 7.73 -15.93
N MET B 90 1.74 6.84 -16.13
CA MET B 90 0.33 7.11 -15.88
C MET B 90 -0.41 5.79 -15.71
N ASN B 91 -1.56 5.81 -15.03
CA ASN B 91 -2.29 4.59 -14.73
C ASN B 91 -3.45 4.28 -15.67
N CYS B 92 -3.84 5.28 -16.49
CA CYS B 92 -5.07 5.21 -17.27
C CYS B 92 -5.08 3.98 -18.18
N PRO B 93 -4.05 3.75 -19.03
CA PRO B 93 -4.09 2.63 -19.96
C PRO B 93 -4.25 1.30 -19.22
N GLY B 94 -3.55 1.14 -18.09
CA GLY B 94 -3.74 -0.02 -17.23
C GLY B 94 -5.20 -0.24 -16.83
N HIS B 95 -5.85 0.86 -16.42
CA HIS B 95 -7.24 0.79 -16.02
C HIS B 95 -8.17 0.42 -17.16
N VAL B 96 -7.88 0.90 -18.38
CA VAL B 96 -8.68 0.57 -19.54
C VAL B 96 -8.54 -0.92 -19.85
N GLN B 97 -7.32 -1.45 -19.72
CA GLN B 97 -7.08 -2.88 -19.91
C GLN B 97 -7.98 -3.67 -18.95
N ILE B 98 -8.09 -3.23 -17.71
CA ILE B 98 -8.97 -3.91 -16.75
C ILE B 98 -10.44 -3.79 -17.18
N PHE B 99 -10.87 -2.58 -17.56
CA PHE B 99 -12.22 -2.34 -18.03
C PHE B 99 -12.59 -3.28 -19.18
N ASN B 100 -11.63 -3.50 -20.09
CA ASN B 100 -11.83 -4.33 -21.27
C ASN B 100 -11.89 -5.83 -21.02
N GLN B 101 -11.65 -6.28 -19.78
CA GLN B 101 -11.92 -7.68 -19.43
C GLN B 101 -13.40 -7.85 -19.12
N GLY B 102 -14.06 -8.71 -19.89
CA GLY B 102 -15.48 -8.96 -19.71
C GLY B 102 -16.37 -7.91 -20.37
N LEU B 103 -17.48 -8.39 -20.94
CA LEU B 103 -18.49 -7.53 -21.53
C LEU B 103 -19.04 -6.53 -20.51
N LYS B 104 -19.09 -5.25 -20.88
CA LYS B 104 -19.67 -4.20 -20.07
C LYS B 104 -20.98 -3.69 -20.66
N SER B 105 -21.87 -3.19 -19.81
CA SER B 105 -23.08 -2.53 -20.27
C SER B 105 -23.32 -1.26 -19.45
N TYR B 106 -24.30 -0.47 -19.89
CA TYR B 106 -24.68 0.76 -19.22
C TYR B 106 -24.99 0.53 -17.74
N ARG B 107 -25.45 -0.69 -17.40
CA ARG B 107 -25.72 -1.09 -16.03
C ARG B 107 -24.49 -1.01 -15.11
N ASP B 108 -23.29 -1.11 -15.69
CA ASP B 108 -22.05 -1.01 -14.94
C ASP B 108 -21.52 0.41 -14.78
N LEU B 109 -22.19 1.38 -15.40
CA LEU B 109 -21.70 2.76 -15.42
C LEU B 109 -22.55 3.67 -14.55
N PRO B 110 -21.97 4.67 -13.86
CA PRO B 110 -20.53 4.97 -13.93
C PRO B 110 -19.65 3.98 -13.17
N LEU B 111 -18.50 3.63 -13.78
CA LEU B 111 -17.58 2.72 -13.16
C LEU B 111 -16.36 3.50 -12.69
N ARG B 112 -16.20 3.60 -11.36
CA ARG B 112 -15.14 4.38 -10.75
C ARG B 112 -13.99 3.49 -10.26
N MET B 113 -12.80 3.72 -10.82
CA MET B 113 -11.71 2.77 -10.65
C MET B 113 -10.48 3.51 -10.16
N ALA B 114 -10.18 3.32 -8.87
CA ALA B 114 -9.10 4.00 -8.18
C ALA B 114 -7.85 3.14 -8.06
N GLU B 115 -6.69 3.79 -7.99
CA GLU B 115 -5.43 3.09 -7.80
C GLU B 115 -4.49 4.06 -7.10
N PHE B 116 -3.70 3.54 -6.17
CA PHE B 116 -2.49 4.21 -5.70
C PHE B 116 -1.40 3.81 -6.67
N GLY B 117 -1.29 4.52 -7.79
CA GLY B 117 -0.52 4.09 -8.94
C GLY B 117 0.88 4.70 -8.93
N SER B 118 1.88 3.84 -8.78
CA SER B 118 3.26 4.26 -8.89
C SER B 118 3.59 4.63 -10.33
N CYS B 119 3.86 5.92 -10.54
CA CYS B 119 4.20 6.49 -11.83
C CYS B 119 5.68 6.83 -11.84
N HIS B 120 6.29 6.74 -13.02
CA HIS B 120 7.65 7.19 -13.21
C HIS B 120 7.70 8.10 -14.43
N ARG B 121 8.30 9.29 -14.24
CA ARG B 121 8.46 10.26 -15.30
C ARG B 121 9.90 10.76 -15.24
N ASN B 122 10.57 10.77 -16.39
CA ASN B 122 11.96 11.18 -16.52
C ASN B 122 12.05 12.71 -16.62
N GLU B 123 11.77 13.39 -15.50
CA GLU B 123 11.79 14.84 -15.45
C GLU B 123 13.24 15.30 -15.58
N PRO B 124 13.53 16.42 -16.27
CA PRO B 124 14.87 16.98 -16.28
C PRO B 124 15.44 17.16 -14.88
N SER B 125 16.69 16.75 -14.66
CA SER B 125 17.28 16.75 -13.33
C SER B 125 17.29 18.13 -12.67
N GLY B 126 17.47 19.17 -13.50
CA GLY B 126 17.46 20.55 -13.05
C GLY B 126 16.09 21.06 -12.60
N SER B 127 15.01 20.31 -12.91
CA SER B 127 13.66 20.67 -12.48
C SER B 127 13.24 19.96 -11.20
N LEU B 128 14.07 19.04 -10.69
CA LEU B 128 13.71 18.29 -9.50
C LEU B 128 13.75 19.18 -8.27
N HIS B 129 12.83 18.94 -7.34
CA HIS B 129 12.76 19.71 -6.11
C HIS B 129 12.14 18.90 -4.97
N GLY B 130 12.99 18.47 -4.04
CA GLY B 130 12.58 17.66 -2.90
C GLY B 130 11.50 16.64 -3.27
N LEU B 131 10.39 16.68 -2.51
CA LEU B 131 9.22 15.84 -2.73
C LEU B 131 8.22 16.42 -3.73
N MET B 132 8.39 17.69 -4.10
CA MET B 132 7.40 18.37 -4.91
C MET B 132 7.46 17.85 -6.35
N ARG B 133 8.69 17.79 -6.92
CA ARG B 133 8.90 17.30 -8.27
C ARG B 133 9.96 16.20 -8.24
N VAL B 134 9.48 14.97 -8.40
CA VAL B 134 10.26 13.76 -8.31
C VAL B 134 10.11 12.95 -9.60
N ARG B 135 10.96 11.94 -9.74
CA ARG B 135 10.89 11.04 -10.88
C ARG B 135 10.01 9.82 -10.63
N GLY B 136 9.88 9.41 -9.38
CA GLY B 136 9.02 8.31 -9.00
C GLY B 136 8.02 8.79 -7.97
N PHE B 137 6.72 8.67 -8.27
CA PHE B 137 5.70 9.11 -7.33
C PHE B 137 4.43 8.27 -7.42
N THR B 138 3.57 8.45 -6.44
CA THR B 138 2.37 7.62 -6.30
C THR B 138 1.18 8.57 -6.35
N GLN B 139 0.34 8.42 -7.37
CA GLN B 139 -0.86 9.22 -7.52
C GLN B 139 -1.98 8.51 -6.76
N ASP B 140 -2.78 9.28 -6.03
CA ASP B 140 -4.09 8.81 -5.56
C ASP B 140 -5.04 8.99 -6.74
N ASP B 141 -4.94 8.07 -7.70
CA ASP B 141 -5.53 8.25 -9.02
C ASP B 141 -6.82 7.48 -9.16
N ALA B 142 -7.69 7.92 -10.07
CA ALA B 142 -8.82 7.10 -10.46
C ALA B 142 -9.27 7.43 -11.87
N HIS B 143 -9.97 6.49 -12.47
CA HIS B 143 -10.62 6.79 -13.74
C HIS B 143 -12.07 6.36 -13.68
N ILE B 144 -12.93 7.26 -14.16
CA ILE B 144 -14.36 7.02 -14.14
C ILE B 144 -14.82 6.81 -15.57
N PHE B 145 -15.42 5.65 -15.81
CA PHE B 145 -15.97 5.32 -17.12
C PHE B 145 -17.46 5.62 -17.03
N CYS B 146 -17.97 6.46 -17.92
CA CYS B 146 -19.36 6.88 -17.84
C CYS B 146 -19.93 7.20 -19.21
N THR B 147 -21.24 7.45 -19.27
CA THR B 147 -21.91 7.93 -20.47
C THR B 147 -21.76 9.45 -20.56
N GLU B 148 -22.13 10.01 -21.73
CA GLU B 148 -22.20 11.45 -21.93
C GLU B 148 -23.17 12.14 -20.97
N GLU B 149 -24.31 11.50 -20.71
CA GLU B 149 -25.34 12.06 -19.85
C GLU B 149 -24.86 12.13 -18.40
N GLN B 150 -23.85 11.31 -18.05
CA GLN B 150 -23.35 11.21 -16.70
C GLN B 150 -22.18 12.13 -16.35
N ILE B 151 -21.58 12.77 -17.37
CA ILE B 151 -20.41 13.61 -17.16
C ILE B 151 -20.59 14.68 -16.09
N ARG B 152 -21.67 15.44 -16.20
CA ARG B 152 -21.92 16.54 -15.27
C ARG B 152 -21.87 16.08 -13.81
N ASP B 153 -22.61 15.01 -13.46
CA ASP B 153 -22.66 14.54 -12.08
C ASP B 153 -21.33 13.98 -11.61
N GLU B 154 -20.64 13.26 -12.50
CA GLU B 154 -19.36 12.69 -12.16
C GLU B 154 -18.25 13.72 -11.97
N VAL B 155 -18.25 14.77 -12.79
CA VAL B 155 -17.29 15.85 -12.60
C VAL B 155 -17.64 16.58 -11.29
N ASN B 156 -18.93 16.83 -11.05
CA ASN B 156 -19.35 17.42 -9.79
C ASN B 156 -18.88 16.56 -8.62
N GLY B 157 -18.93 15.24 -8.79
CA GLY B 157 -18.51 14.32 -7.74
C GLY B 157 -17.03 14.47 -7.38
N CYS B 158 -16.20 14.62 -8.41
CA CYS B 158 -14.77 14.80 -8.22
C CYS B 158 -14.49 16.11 -7.49
N ILE B 159 -15.23 17.16 -7.84
CA ILE B 159 -15.05 18.46 -7.21
C ILE B 159 -15.51 18.41 -5.75
N ARG B 160 -16.69 17.81 -5.51
CA ARG B 160 -17.15 17.61 -4.14
C ARG B 160 -16.01 16.95 -3.36
N LEU B 161 -15.45 15.87 -3.90
CA LEU B 161 -14.44 15.11 -3.19
C LEU B 161 -13.15 15.90 -2.88
N VAL B 162 -12.72 16.76 -3.80
CA VAL B 162 -11.59 17.62 -3.53
C VAL B 162 -11.83 18.50 -2.31
N TYR B 163 -12.90 19.28 -2.30
CA TYR B 163 -13.18 20.17 -1.19
C TYR B 163 -13.46 19.39 0.10
N ASP B 164 -14.06 18.21 -0.03
CA ASP B 164 -14.29 17.36 1.13
C ASP B 164 -12.95 17.01 1.76
N MET B 165 -12.05 16.44 0.96
CA MET B 165 -10.76 16.00 1.48
C MET B 165 -9.89 17.15 1.97
N TYR B 166 -9.83 18.24 1.18
CA TYR B 166 -8.98 19.37 1.53
C TYR B 166 -9.39 20.08 2.81
N SER B 167 -10.69 20.06 3.14
CA SER B 167 -11.12 20.74 4.35
C SER B 167 -10.59 20.06 5.62
N THR B 168 -10.22 18.77 5.55
CA THR B 168 -9.58 18.09 6.67
C THR B 168 -8.21 18.69 7.02
N PHE B 169 -7.50 19.18 6.00
CA PHE B 169 -6.19 19.80 6.21
C PHE B 169 -6.31 21.30 6.43
N GLY B 170 -7.50 21.85 6.20
CA GLY B 170 -7.82 23.22 6.55
C GLY B 170 -7.36 24.23 5.50
N PHE B 171 -7.49 23.88 4.22
CA PHE B 171 -6.99 24.76 3.18
C PHE B 171 -7.94 25.92 2.87
N GLU B 172 -7.38 27.15 3.04
CA GLU B 172 -7.97 28.39 2.61
C GLU B 172 -7.71 28.67 1.12
N LYS B 173 -6.41 28.67 0.78
CA LYS B 173 -5.92 29.09 -0.53
C LYS B 173 -5.98 27.94 -1.53
N ILE B 174 -7.17 27.76 -2.12
CA ILE B 174 -7.37 26.82 -3.23
C ILE B 174 -7.62 27.64 -4.47
N VAL B 175 -6.54 27.94 -5.20
CA VAL B 175 -6.61 28.58 -6.50
C VAL B 175 -6.90 27.51 -7.55
N VAL B 176 -7.87 27.79 -8.42
CA VAL B 176 -8.30 26.82 -9.42
C VAL B 176 -7.96 27.30 -10.82
N LYS B 177 -7.36 26.42 -11.62
CA LYS B 177 -7.03 26.74 -13.00
C LYS B 177 -7.68 25.73 -13.94
N LEU B 178 -8.03 26.19 -15.15
CA LEU B 178 -8.49 25.30 -16.20
C LEU B 178 -7.44 25.32 -17.31
N SER B 179 -6.73 24.20 -17.43
CA SER B 179 -5.63 24.07 -18.38
C SER B 179 -6.15 23.56 -19.72
N THR B 180 -6.02 24.40 -20.75
CA THR B 180 -6.60 24.15 -22.05
C THR B 180 -5.61 23.47 -23.01
N ARG B 181 -6.13 23.15 -24.21
CA ARG B 181 -5.45 22.30 -25.19
C ARG B 181 -4.00 22.69 -25.46
N PRO B 182 -3.04 21.74 -25.30
CA PRO B 182 -1.64 21.98 -25.64
C PRO B 182 -1.45 21.86 -27.15
N GLU B 183 -0.28 22.30 -27.64
CA GLU B 183 0.04 22.28 -29.06
C GLU B 183 0.04 20.85 -29.59
N LYS B 184 0.67 19.94 -28.84
CA LYS B 184 0.68 18.52 -29.15
C LYS B 184 -0.41 17.79 -28.36
N ARG B 185 -1.41 17.30 -29.10
CA ARG B 185 -2.60 16.71 -28.52
C ARG B 185 -3.23 15.70 -29.46
N ILE B 186 -4.06 14.82 -28.89
CA ILE B 186 -4.88 13.91 -29.67
C ILE B 186 -6.34 14.34 -29.53
N GLY B 187 -7.19 13.80 -30.41
CA GLY B 187 -8.59 14.15 -30.47
C GLY B 187 -8.82 15.38 -31.35
N SER B 188 -10.06 15.54 -31.80
CA SER B 188 -10.42 16.65 -32.67
C SER B 188 -10.66 17.94 -31.90
N ASP B 189 -10.80 19.04 -32.64
CA ASP B 189 -11.13 20.33 -32.05
C ASP B 189 -12.47 20.32 -31.32
N GLU B 190 -13.44 19.58 -31.88
CA GLU B 190 -14.79 19.51 -31.36
C GLU B 190 -14.77 18.80 -30.01
N MET B 191 -13.95 17.75 -29.92
CA MET B 191 -13.80 16.99 -28.69
C MET B 191 -13.21 17.89 -27.60
N TRP B 192 -12.21 18.69 -27.99
CA TRP B 192 -11.56 19.60 -27.06
C TRP B 192 -12.47 20.75 -26.62
N ASP B 193 -13.24 21.30 -27.56
CA ASP B 193 -14.26 22.30 -27.26
C ASP B 193 -15.24 21.77 -26.22
N ARG B 194 -15.78 20.57 -26.45
CA ARG B 194 -16.73 19.95 -25.55
C ARG B 194 -16.12 19.70 -24.17
N ALA B 195 -14.90 19.17 -24.15
CA ALA B 195 -14.25 18.82 -22.90
C ALA B 195 -13.89 20.05 -22.05
N GLU B 196 -13.38 21.10 -22.70
CA GLU B 196 -13.08 22.35 -22.01
C GLU B 196 -14.36 23.02 -21.49
N ALA B 197 -15.41 22.96 -22.29
CA ALA B 197 -16.67 23.59 -21.95
C ALA B 197 -17.31 22.91 -20.73
N ASP B 198 -17.27 21.56 -20.71
CA ASP B 198 -17.86 20.82 -19.60
C ASP B 198 -17.13 21.05 -18.28
N LEU B 199 -15.79 21.08 -18.30
CA LEU B 199 -15.06 21.38 -17.09
C LEU B 199 -15.37 22.79 -16.58
N ALA B 200 -15.47 23.73 -17.52
CA ALA B 200 -15.75 25.12 -17.21
C ALA B 200 -17.16 25.29 -16.64
N VAL B 201 -18.12 24.60 -17.25
CA VAL B 201 -19.49 24.68 -16.79
C VAL B 201 -19.58 24.05 -15.40
N ALA B 202 -18.84 22.96 -15.18
CA ALA B 202 -18.83 22.33 -13.87
C ALA B 202 -18.36 23.28 -12.78
N LEU B 203 -17.24 23.97 -13.03
CA LEU B 203 -16.71 24.92 -12.06
C LEU B 203 -17.66 26.08 -11.79
N GLU B 204 -18.34 26.53 -12.84
CA GLU B 204 -19.25 27.66 -12.79
C GLU B 204 -20.51 27.30 -12.02
N GLU B 205 -21.04 26.10 -12.26
CA GLU B 205 -22.19 25.60 -11.52
C GLU B 205 -21.88 25.40 -10.03
N ASN B 206 -20.62 25.15 -9.68
CA ASN B 206 -20.22 25.03 -8.28
C ASN B 206 -19.77 26.35 -7.65
N ASN B 207 -19.95 27.46 -8.37
CA ASN B 207 -19.53 28.77 -7.91
C ASN B 207 -18.05 28.85 -7.55
N ILE B 208 -17.22 28.25 -8.40
CA ILE B 208 -15.78 28.27 -8.20
C ILE B 208 -15.13 29.25 -9.17
N PRO B 209 -14.46 30.31 -8.68
CA PRO B 209 -13.71 31.21 -9.56
C PRO B 209 -12.42 30.52 -10.00
N PHE B 210 -12.05 30.70 -11.26
CA PHE B 210 -10.86 30.10 -11.82
C PHE B 210 -10.29 30.97 -12.94
N GLU B 211 -9.02 30.76 -13.25
CA GLU B 211 -8.39 31.38 -14.39
C GLU B 211 -8.12 30.28 -15.41
N TYR B 212 -8.16 30.63 -16.69
CA TYR B 212 -7.67 29.75 -17.74
C TYR B 212 -6.14 29.72 -17.68
N GLN B 213 -5.54 28.59 -18.05
CA GLN B 213 -4.10 28.46 -18.16
C GLN B 213 -3.89 27.84 -19.54
N LEU B 214 -3.68 28.72 -20.53
CA LEU B 214 -3.67 28.33 -21.94
C LEU B 214 -2.50 27.40 -22.26
N GLY B 215 -2.81 26.31 -22.96
CA GLY B 215 -1.81 25.38 -23.45
C GLY B 215 -1.20 24.43 -22.42
N GLU B 216 -1.68 24.43 -21.17
CA GLU B 216 -1.11 23.55 -20.16
C GLU B 216 -1.93 22.29 -19.87
N GLY B 217 -2.91 21.99 -20.73
CA GLY B 217 -3.59 20.71 -20.68
C GLY B 217 -2.74 19.52 -21.10
N ALA B 218 -3.21 18.29 -20.81
CA ALA B 218 -2.50 17.09 -21.23
C ALA B 218 -2.85 16.83 -22.68
N PHE B 219 -2.02 16.00 -23.34
CA PHE B 219 -2.24 15.69 -24.74
C PHE B 219 -3.54 14.92 -24.95
N TYR B 220 -4.01 14.25 -23.87
CA TYR B 220 -5.25 13.47 -23.89
C TYR B 220 -6.45 14.16 -23.20
N GLY B 221 -6.29 15.45 -22.84
CA GLY B 221 -7.42 16.22 -22.35
C GLY B 221 -7.11 17.39 -21.43
N PRO B 222 -8.07 18.33 -21.27
CA PRO B 222 -7.89 19.50 -20.44
C PRO B 222 -7.95 19.12 -18.97
N LYS B 223 -7.47 20.01 -18.09
CA LYS B 223 -7.43 19.75 -16.67
C LYS B 223 -8.05 20.88 -15.85
N ILE B 224 -8.85 20.53 -14.84
CA ILE B 224 -9.03 21.42 -13.69
C ILE B 224 -7.88 21.14 -12.74
N GLU B 225 -7.18 22.20 -12.32
CA GLU B 225 -6.04 22.06 -11.43
C GLU B 225 -6.33 22.79 -10.12
N PHE B 226 -6.27 22.06 -9.01
CA PHE B 226 -6.35 22.67 -7.69
C PHE B 226 -4.92 22.95 -7.22
N THR B 227 -4.62 24.24 -7.02
CA THR B 227 -3.27 24.72 -6.81
C THR B 227 -3.03 25.03 -5.35
N LEU B 228 -1.97 24.44 -4.78
CA LEU B 228 -1.53 24.75 -3.42
C LEU B 228 -0.15 25.42 -3.48
N TYR B 229 0.17 26.17 -2.42
CA TYR B 229 1.37 27.00 -2.38
C TYR B 229 2.33 26.54 -1.29
N ASP B 230 3.62 26.73 -1.52
CA ASP B 230 4.64 26.37 -0.54
C ASP B 230 5.10 27.63 0.19
N CYS B 231 6.14 27.50 1.03
CA CYS B 231 6.62 28.60 1.84
C CYS B 231 7.11 29.82 1.05
N LEU B 232 7.51 29.63 -0.21
CA LEU B 232 7.90 30.74 -1.07
C LEU B 232 6.80 31.16 -2.04
N ASP B 233 5.55 30.76 -1.71
CA ASP B 233 4.35 31.02 -2.50
C ASP B 233 4.50 30.60 -3.96
N ARG B 234 5.19 29.47 -4.18
CA ARG B 234 5.22 28.80 -5.47
C ARG B 234 3.98 27.95 -5.67
N ALA B 235 3.45 27.96 -6.91
CA ALA B 235 2.24 27.25 -7.27
C ALA B 235 2.56 25.80 -7.59
N TRP B 236 1.81 24.87 -6.99
CA TRP B 236 1.98 23.45 -7.23
C TRP B 236 0.63 22.82 -7.54
N GLN B 237 0.52 22.22 -8.72
CA GLN B 237 -0.66 21.48 -9.09
C GLN B 237 -0.81 20.26 -8.17
N CYS B 238 -1.95 20.17 -7.49
CA CYS B 238 -2.19 19.03 -6.64
C CYS B 238 -3.40 18.30 -7.17
N GLY B 239 -4.59 18.62 -6.68
CA GLY B 239 -5.81 18.03 -7.20
C GLY B 239 -5.98 18.33 -8.68
N THR B 240 -6.48 17.34 -9.42
CA THR B 240 -6.61 17.48 -10.86
C THR B 240 -7.75 16.60 -11.36
N VAL B 241 -8.58 17.21 -12.22
CA VAL B 241 -9.74 16.55 -12.81
C VAL B 241 -9.61 16.74 -14.31
N GLN B 242 -9.67 15.66 -15.09
CA GLN B 242 -9.52 15.74 -16.52
C GLN B 242 -10.64 15.00 -17.25
N LEU B 243 -10.91 15.43 -18.49
CA LEU B 243 -11.98 14.86 -19.28
C LEU B 243 -11.38 14.44 -20.62
N ASP B 244 -11.71 13.21 -21.02
CA ASP B 244 -10.98 12.50 -22.06
C ASP B 244 -11.97 11.76 -22.95
N PHE B 245 -12.05 12.16 -24.22
CA PHE B 245 -12.87 11.48 -25.21
C PHE B 245 -12.05 10.67 -26.21
N SER B 246 -10.78 10.40 -25.89
CA SER B 246 -9.83 9.89 -26.87
C SER B 246 -9.17 8.55 -26.54
N LEU B 247 -8.69 8.37 -25.30
CA LEU B 247 -7.99 7.16 -24.92
C LEU B 247 -8.86 5.91 -24.99
N PRO B 248 -10.12 5.92 -24.51
CA PRO B 248 -10.94 4.71 -24.54
C PRO B 248 -11.12 4.19 -25.97
N SER B 249 -11.39 5.10 -26.89
CA SER B 249 -11.49 4.76 -28.31
C SER B 249 -10.22 4.10 -28.85
N ARG B 250 -9.06 4.68 -28.53
CA ARG B 250 -7.78 4.16 -28.94
C ARG B 250 -7.41 2.81 -28.36
N LEU B 251 -7.91 2.53 -27.16
CA LEU B 251 -7.70 1.24 -26.53
C LEU B 251 -8.91 0.32 -26.68
N SER B 252 -9.81 0.66 -27.63
CA SER B 252 -10.95 -0.18 -27.96
C SER B 252 -11.85 -0.52 -26.77
N ALA B 253 -12.04 0.44 -25.87
CA ALA B 253 -13.02 0.29 -24.80
C ALA B 253 -14.42 0.43 -25.39
N SER B 254 -15.35 -0.38 -24.88
CA SER B 254 -16.74 -0.24 -25.28
C SER B 254 -17.67 -0.91 -24.27
N TYR B 255 -18.95 -0.52 -24.34
CA TYR B 255 -20.02 -1.12 -23.57
C TYR B 255 -21.29 -1.14 -24.41
N VAL B 256 -22.22 -2.02 -24.06
CA VAL B 256 -23.51 -2.13 -24.72
C VAL B 256 -24.48 -1.15 -24.04
N GLY B 257 -25.00 -0.20 -24.85
CA GLY B 257 -25.95 0.79 -24.36
C GLY B 257 -27.35 0.18 -24.22
N GLU B 258 -28.34 1.02 -23.92
CA GLU B 258 -29.71 0.58 -23.76
C GLU B 258 -30.33 0.22 -25.11
N ASP B 259 -30.19 1.14 -26.08
CA ASP B 259 -30.39 0.83 -27.50
C ASP B 259 -29.93 -0.57 -27.85
N ASN B 260 -28.77 -0.96 -27.30
CA ASN B 260 -28.14 -2.25 -27.50
C ASN B 260 -27.01 -2.13 -28.53
N GLU B 261 -26.64 -0.89 -28.86
CA GLU B 261 -25.46 -0.62 -29.68
C GLU B 261 -24.19 -0.46 -28.85
N ARG B 262 -23.05 -0.80 -29.46
CA ARG B 262 -21.75 -0.52 -28.89
C ARG B 262 -21.56 0.99 -28.79
N LYS B 263 -21.20 1.44 -27.58
CA LYS B 263 -20.84 2.83 -27.34
C LYS B 263 -19.47 2.85 -26.68
N VAL B 264 -18.71 3.92 -26.95
CA VAL B 264 -17.44 4.16 -26.31
C VAL B 264 -17.67 4.93 -25.03
N PRO B 265 -17.11 4.51 -23.87
CA PRO B 265 -17.28 5.27 -22.64
C PRO B 265 -16.46 6.55 -22.67
N VAL B 266 -17.00 7.58 -22.02
CA VAL B 266 -16.25 8.76 -21.65
C VAL B 266 -15.37 8.41 -20.47
N MET B 267 -14.20 9.03 -20.37
CA MET B 267 -13.29 8.73 -19.28
C MET B 267 -12.92 10.02 -18.54
N ILE B 268 -13.22 10.05 -17.24
CA ILE B 268 -12.78 11.12 -16.37
C ILE B 268 -11.56 10.62 -15.59
N HIS B 269 -10.49 11.42 -15.59
CA HIS B 269 -9.29 11.14 -14.83
C HIS B 269 -9.32 12.06 -13.61
N ARG B 270 -8.97 11.57 -12.42
CA ARG B 270 -8.78 12.52 -11.33
C ARG B 270 -7.84 12.01 -10.25
N ALA B 271 -7.12 12.96 -9.64
CA ALA B 271 -6.29 12.71 -8.48
C ALA B 271 -6.57 13.80 -7.46
N ILE B 272 -6.94 13.42 -6.23
CA ILE B 272 -7.38 14.38 -5.24
C ILE B 272 -6.20 15.07 -4.57
N LEU B 273 -5.34 14.29 -3.91
CA LEU B 273 -4.11 14.82 -3.35
C LEU B 273 -3.07 15.18 -4.41
N GLY B 274 -3.15 14.49 -5.55
CA GLY B 274 -2.21 14.68 -6.64
C GLY B 274 -1.24 13.50 -6.70
N SER B 275 -0.06 13.68 -6.09
CA SER B 275 0.76 12.58 -5.62
C SER B 275 0.91 12.67 -4.11
N MET B 276 1.20 11.52 -3.49
CA MET B 276 1.44 11.43 -2.06
C MET B 276 2.68 12.25 -1.72
N GLU B 277 3.70 12.14 -2.58
CA GLU B 277 4.98 12.80 -2.36
C GLU B 277 4.81 14.31 -2.29
N ARG B 278 4.19 14.87 -3.33
CA ARG B 278 4.01 16.31 -3.40
C ARG B 278 3.12 16.77 -2.24
N PHE B 279 1.98 16.11 -2.06
CA PHE B 279 1.06 16.51 -1.01
C PHE B 279 1.78 16.54 0.35
N ILE B 280 2.58 15.51 0.68
CA ILE B 280 3.35 15.52 1.92
C ILE B 280 4.36 16.67 2.01
N GLY B 281 4.98 17.03 0.88
CA GLY B 281 5.83 18.22 0.84
C GLY B 281 5.06 19.50 1.15
N ILE B 282 3.89 19.66 0.54
CA ILE B 282 3.00 20.78 0.84
C ILE B 282 2.59 20.81 2.31
N LEU B 283 2.15 19.67 2.84
CA LEU B 283 1.76 19.60 4.24
C LEU B 283 2.91 19.95 5.15
N THR B 284 4.10 19.39 4.88
CA THR B 284 5.26 19.64 5.71
C THR B 284 5.50 21.15 5.81
N GLU B 285 5.41 21.86 4.69
CA GLU B 285 5.61 23.30 4.69
C GLU B 285 4.42 24.06 5.27
N GLU B 286 3.20 23.65 4.93
CA GLU B 286 2.01 24.31 5.45
C GLU B 286 2.02 24.33 6.98
N PHE B 287 2.37 23.17 7.59
CA PHE B 287 2.30 23.02 9.02
C PHE B 287 3.66 23.24 9.70
N ALA B 288 4.70 23.48 8.90
CA ALA B 288 6.05 23.64 9.43
C ALA B 288 6.42 22.46 10.32
N GLY B 289 5.95 21.27 9.92
CA GLY B 289 6.30 20.04 10.59
C GLY B 289 5.41 19.70 11.78
N PHE B 290 4.51 20.62 12.15
CA PHE B 290 3.52 20.37 13.20
C PHE B 290 2.33 19.63 12.58
N PHE B 291 2.52 18.38 12.17
CA PHE B 291 1.45 17.57 11.64
C PHE B 291 0.31 17.41 12.65
N PRO B 292 -0.95 17.45 12.20
CA PRO B 292 -2.08 17.10 13.06
C PRO B 292 -1.84 15.73 13.68
N THR B 293 -2.36 15.54 14.89
CA THR B 293 -2.05 14.35 15.67
C THR B 293 -2.23 13.05 14.90
N TRP B 294 -3.30 12.97 14.07
CA TRP B 294 -3.58 11.76 13.29
C TRP B 294 -2.51 11.42 12.25
N LEU B 295 -1.87 12.44 11.68
CA LEU B 295 -0.74 12.22 10.79
C LEU B 295 0.64 12.09 11.46
N ALA B 296 0.79 12.57 12.70
CA ALA B 296 2.12 12.65 13.31
C ALA B 296 2.77 11.28 13.45
N PRO B 297 4.05 11.14 13.04
CA PRO B 297 4.73 9.84 13.14
C PRO B 297 4.76 9.28 14.56
N VAL B 298 5.21 10.09 15.51
CA VAL B 298 5.08 9.79 16.93
C VAL B 298 4.08 10.77 17.53
N GLN B 299 3.00 10.24 18.10
CA GLN B 299 1.92 11.05 18.65
C GLN B 299 2.23 11.44 20.09
N VAL B 300 2.87 10.54 20.84
CA VAL B 300 3.15 10.75 22.25
C VAL B 300 4.54 10.23 22.59
N VAL B 301 5.26 10.97 23.43
CA VAL B 301 6.48 10.50 24.05
C VAL B 301 6.26 10.60 25.56
N ILE B 302 6.63 9.54 26.28
CA ILE B 302 6.53 9.52 27.73
C ILE B 302 7.93 9.53 28.33
N MET B 303 8.17 10.43 29.28
CA MET B 303 9.48 10.64 29.87
C MET B 303 9.43 10.45 31.37
N ASN B 304 10.52 9.93 31.96
CA ASN B 304 10.70 9.90 33.39
C ASN B 304 11.65 11.03 33.79
N ILE B 305 11.71 11.36 35.08
CA ILE B 305 12.69 12.31 35.59
C ILE B 305 13.94 11.51 35.97
N THR B 306 13.78 10.55 36.89
CA THR B 306 14.86 9.67 37.31
C THR B 306 14.53 8.22 36.94
N ASP B 307 15.46 7.31 37.25
CA ASP B 307 15.21 5.87 37.15
C ASP B 307 14.02 5.43 38.00
N SER B 308 13.75 6.18 39.07
CA SER B 308 12.63 5.89 39.94
C SER B 308 11.30 5.63 39.22
N GLN B 309 11.07 6.30 38.07
CA GLN B 309 9.78 6.20 37.40
C GLN B 309 9.75 5.39 36.11
N SER B 310 10.87 4.75 35.73
CA SER B 310 10.95 4.04 34.45
C SER B 310 9.93 2.92 34.36
N GLU B 311 9.67 2.26 35.48
CA GLU B 311 8.72 1.18 35.53
C GLU B 311 7.34 1.68 35.09
N TYR B 312 6.91 2.78 35.73
CA TYR B 312 5.65 3.44 35.44
C TYR B 312 5.57 3.90 33.98
N VAL B 313 6.66 4.44 33.45
CA VAL B 313 6.69 4.87 32.07
C VAL B 313 6.46 3.71 31.10
N ASN B 314 7.05 2.55 31.40
CA ASN B 314 6.91 1.39 30.53
C ASN B 314 5.49 0.85 30.55
N GLU B 315 4.88 0.81 31.74
CA GLU B 315 3.49 0.38 31.88
C GLU B 315 2.58 1.30 31.06
N LEU B 316 2.81 2.61 31.21
CA LEU B 316 2.06 3.62 30.48
C LEU B 316 2.22 3.49 28.97
N THR B 317 3.47 3.26 28.54
CA THR B 317 3.75 3.13 27.12
C THR B 317 2.95 1.96 26.56
N GLN B 318 2.95 0.85 27.30
CA GLN B 318 2.23 -0.35 26.91
C GLN B 318 0.74 -0.02 26.76
N LYS B 319 0.20 0.66 27.78
CA LYS B 319 -1.20 1.02 27.83
C LYS B 319 -1.62 1.84 26.60
N LEU B 320 -0.87 2.92 26.32
CA LEU B 320 -1.17 3.78 25.19
C LEU B 320 -1.02 3.07 23.85
N SER B 321 0.03 2.26 23.74
CA SER B 321 0.26 1.49 22.54
C SER B 321 -0.91 0.53 22.25
N ASN B 322 -1.44 -0.09 23.30
CA ASN B 322 -2.62 -0.94 23.18
C ASN B 322 -3.90 -0.20 22.81
N ALA B 323 -3.98 1.07 23.22
CA ALA B 323 -5.08 1.93 22.85
C ALA B 323 -4.95 2.42 21.41
N GLY B 324 -3.90 1.99 20.72
CA GLY B 324 -3.71 2.28 19.31
C GLY B 324 -3.02 3.62 19.02
N ILE B 325 -2.30 4.17 20.01
CA ILE B 325 -1.60 5.42 19.83
C ILE B 325 -0.12 5.17 19.53
N ARG B 326 0.42 5.91 18.56
CA ARG B 326 1.84 5.82 18.27
C ARG B 326 2.63 6.49 19.40
N VAL B 327 3.20 5.68 20.30
CA VAL B 327 3.86 6.19 21.49
C VAL B 327 5.30 5.66 21.64
N LYS B 328 6.18 6.46 22.25
CA LYS B 328 7.54 6.07 22.61
C LYS B 328 7.89 6.49 24.03
N ALA B 329 8.72 5.69 24.69
CA ALA B 329 9.28 6.03 25.99
C ALA B 329 10.62 6.71 25.77
N ASP B 330 10.95 7.69 26.60
CA ASP B 330 12.27 8.30 26.59
C ASP B 330 12.84 8.17 27.99
N LEU B 331 13.65 7.14 28.21
CA LEU B 331 14.18 6.85 29.54
C LEU B 331 15.63 7.30 29.74
N ARG B 332 16.16 8.10 28.82
CA ARG B 332 17.56 8.49 28.90
C ARG B 332 17.82 9.25 30.20
N ASN B 333 19.03 9.13 30.73
CA ASN B 333 19.42 9.91 31.89
C ASN B 333 19.76 11.32 31.41
N GLU B 334 18.71 12.06 31.04
CA GLU B 334 18.85 13.44 30.60
C GLU B 334 17.88 14.28 31.41
N LYS B 335 18.26 15.55 31.63
CA LYS B 335 17.38 16.49 32.31
C LYS B 335 16.10 16.62 31.46
N ILE B 336 14.96 16.72 32.15
CA ILE B 336 13.66 16.69 31.49
C ILE B 336 13.53 17.81 30.46
N GLY B 337 13.98 19.02 30.81
CA GLY B 337 13.98 20.15 29.89
C GLY B 337 14.76 19.90 28.60
N PHE B 338 15.83 19.11 28.70
CA PHE B 338 16.59 18.67 27.54
C PHE B 338 15.71 17.78 26.65
N LYS B 339 15.01 16.83 27.29
CA LYS B 339 14.16 15.89 26.58
C LYS B 339 13.00 16.59 25.86
N ILE B 340 12.38 17.56 26.55
CA ILE B 340 11.25 18.29 26.01
C ILE B 340 11.70 19.04 24.76
N ARG B 341 12.88 19.65 24.81
CA ARG B 341 13.36 20.41 23.67
C ARG B 341 13.57 19.51 22.45
N GLU B 342 14.08 18.31 22.70
CA GLU B 342 14.36 17.40 21.61
C GLU B 342 13.09 16.94 20.90
N HIS B 343 12.06 16.59 21.68
CA HIS B 343 10.82 16.07 21.13
C HIS B 343 9.95 17.19 20.58
N THR B 344 10.18 18.43 21.05
CA THR B 344 9.58 19.59 20.43
C THR B 344 10.13 19.81 19.03
N LEU B 345 11.46 19.74 18.89
CA LEU B 345 12.11 19.81 17.59
C LEU B 345 11.64 18.70 16.66
N ARG B 346 11.26 17.54 17.21
CA ARG B 346 10.70 16.47 16.41
C ARG B 346 9.18 16.55 16.25
N ARG B 347 8.56 17.63 16.74
CA ARG B 347 7.16 17.94 16.52
C ARG B 347 6.18 16.89 17.07
N VAL B 348 6.58 16.23 18.16
CA VAL B 348 5.71 15.29 18.83
C VAL B 348 4.57 16.07 19.50
N PRO B 349 3.30 15.80 19.12
CA PRO B 349 2.15 16.50 19.69
C PRO B 349 2.15 16.62 21.22
N TYR B 350 2.34 15.48 21.88
CA TYR B 350 2.17 15.39 23.34
C TYR B 350 3.36 14.73 24.03
N MET B 351 3.76 15.35 25.13
CA MET B 351 4.92 14.92 25.90
C MET B 351 4.45 14.72 27.34
N LEU B 352 4.48 13.46 27.78
CA LEU B 352 3.99 13.07 29.09
C LEU B 352 5.18 12.91 30.05
N VAL B 353 5.13 13.66 31.15
CA VAL B 353 6.20 13.65 32.13
C VAL B 353 5.69 12.91 33.36
N CYS B 354 6.55 12.07 33.93
CA CYS B 354 6.21 11.20 35.04
C CYS B 354 7.23 11.43 36.14
N GLY B 355 6.84 12.21 37.15
CA GLY B 355 7.62 12.37 38.37
C GLY B 355 7.00 11.51 39.47
N ASP B 356 7.57 11.57 40.66
CA ASP B 356 7.10 10.72 41.75
C ASP B 356 5.60 10.94 41.95
N LYS B 357 5.14 12.20 41.84
CA LYS B 357 3.76 12.57 42.06
C LYS B 357 2.79 11.87 41.10
N GLU B 358 3.19 11.82 39.83
CA GLU B 358 2.36 11.22 38.80
C GLU B 358 2.24 9.72 39.02
N VAL B 359 3.37 9.11 39.41
CA VAL B 359 3.41 7.70 39.76
C VAL B 359 2.41 7.46 40.88
N GLU B 360 2.60 8.13 42.03
CA GLU B 360 1.77 7.96 43.21
C GLU B 360 0.26 8.08 42.96
N SER B 361 -0.11 8.88 41.96
CA SER B 361 -1.51 9.24 41.75
C SER B 361 -2.13 8.60 40.52
N GLY B 362 -1.33 7.83 39.76
CA GLY B 362 -1.78 7.30 38.49
C GLY B 362 -2.12 8.39 37.47
N LYS B 363 -1.42 9.53 37.58
CA LYS B 363 -1.65 10.67 36.70
C LYS B 363 -0.47 10.86 35.77
N VAL B 364 -0.57 11.86 34.88
CA VAL B 364 0.53 12.19 33.99
C VAL B 364 0.52 13.69 33.69
N ALA B 365 1.71 14.29 33.70
CA ALA B 365 1.86 15.71 33.37
C ALA B 365 2.03 15.88 31.87
N VAL B 366 1.17 16.73 31.26
CA VAL B 366 1.14 16.91 29.81
C VAL B 366 1.73 18.25 29.37
N ARG B 367 2.63 18.19 28.38
CA ARG B 367 3.17 19.36 27.71
C ARG B 367 2.96 19.14 26.21
N THR B 368 2.90 20.24 25.45
CA THR B 368 2.75 20.15 24.01
C THR B 368 3.97 20.71 23.31
N ARG B 369 4.13 20.32 22.04
CA ARG B 369 5.14 20.87 21.17
C ARG B 369 5.06 22.38 20.92
N ARG B 370 3.98 23.04 21.38
CA ARG B 370 3.84 24.48 21.31
C ARG B 370 4.34 25.19 22.56
N GLY B 371 4.87 24.41 23.51
CA GLY B 371 5.36 24.97 24.76
C GLY B 371 4.27 25.16 25.81
N LYS B 372 3.08 24.58 25.57
CA LYS B 372 1.97 24.73 26.50
C LYS B 372 2.07 23.64 27.56
N ASP B 373 1.90 24.05 28.82
CA ASP B 373 1.89 23.14 29.95
C ASP B 373 0.45 22.92 30.42
N LEU B 374 -0.08 21.73 30.15
CA LEU B 374 -1.49 21.43 30.39
C LEU B 374 -1.74 20.83 31.77
N GLY B 375 -0.72 20.75 32.63
CA GLY B 375 -0.85 20.18 33.97
C GLY B 375 -0.99 18.65 34.03
N SER B 376 -1.23 18.13 35.25
CA SER B 376 -1.53 16.73 35.48
C SER B 376 -2.93 16.34 35.00
N MET B 377 -3.07 15.17 34.37
CA MET B 377 -4.40 14.63 34.13
C MET B 377 -4.46 13.11 34.25
N ASP B 378 -5.69 12.65 34.53
CA ASP B 378 -6.02 11.24 34.61
C ASP B 378 -5.62 10.60 33.28
N VAL B 379 -5.05 9.39 33.36
CA VAL B 379 -4.57 8.70 32.18
C VAL B 379 -5.71 8.34 31.22
N ASN B 380 -6.78 7.72 31.75
CA ASN B 380 -7.90 7.30 30.91
C ASN B 380 -8.51 8.43 30.10
N GLU B 381 -8.55 9.61 30.73
CA GLU B 381 -9.04 10.80 30.08
C GLU B 381 -8.14 11.19 28.91
N VAL B 382 -6.82 11.22 29.15
CA VAL B 382 -5.86 11.55 28.11
C VAL B 382 -5.98 10.55 26.96
N ILE B 383 -6.09 9.25 27.26
CA ILE B 383 -6.27 8.24 26.22
C ILE B 383 -7.53 8.50 25.41
N GLU B 384 -8.65 8.75 26.11
CA GLU B 384 -9.94 8.92 25.45
C GLU B 384 -9.92 10.09 24.48
N LYS B 385 -9.27 11.18 24.92
CA LYS B 385 -9.19 12.40 24.15
C LYS B 385 -8.20 12.32 22.98
N LEU B 386 -7.07 11.63 23.19
CA LEU B 386 -6.16 11.34 22.11
C LEU B 386 -6.87 10.56 21.01
N GLN B 387 -7.68 9.57 21.41
CA GLN B 387 -8.41 8.75 20.45
C GLN B 387 -9.44 9.57 19.69
N GLN B 388 -10.07 10.52 20.39
CA GLN B 388 -11.04 11.39 19.75
C GLN B 388 -10.36 12.32 18.74
N GLU B 389 -9.22 12.89 19.13
CA GLU B 389 -8.43 13.75 18.26
C GLU B 389 -7.97 13.01 16.99
N ILE B 390 -7.64 11.72 17.14
CA ILE B 390 -7.21 10.89 16.02
C ILE B 390 -8.35 10.44 15.10
N ARG B 391 -9.42 9.92 15.70
CA ARG B 391 -10.59 9.43 14.99
C ARG B 391 -11.27 10.54 14.20
N SER B 392 -11.37 11.74 14.78
CA SER B 392 -11.97 12.87 14.07
C SER B 392 -11.02 13.54 13.08
N ARG B 393 -9.77 13.11 13.02
CA ARG B 393 -8.74 13.74 12.20
C ARG B 393 -8.74 15.25 12.37
N SER B 394 -8.73 15.65 13.63
CA SER B 394 -8.78 17.04 14.03
C SER B 394 -7.49 17.78 13.70
N LEU B 395 -7.63 19.02 13.19
CA LEU B 395 -6.49 19.90 12.95
C LEU B 395 -5.80 20.38 14.22
N LYS B 396 -6.59 20.62 15.26
CA LYS B 396 -6.12 21.33 16.44
C LYS B 396 -6.10 20.41 17.64
N GLN B 397 -5.17 20.69 18.56
CA GLN B 397 -4.94 19.89 19.75
C GLN B 397 -5.92 20.23 20.87
N LEU B 398 -5.69 19.64 22.05
CA LEU B 398 -6.44 19.89 23.28
C LEU B 398 -6.27 21.34 23.71
N GLU B 399 -7.36 22.12 23.59
CA GLU B 399 -7.42 23.55 23.90
C GLU B 399 -7.91 24.25 22.62
N GLU B 400 -7.00 24.93 21.91
CA GLU B 400 -7.16 25.29 20.51
C GLU B 400 -8.02 24.31 19.70
O1 VL0 C . 13.76 -12.10 1.79
C1 VL0 C . 14.56 -11.32 1.24
O2 VL0 C . 14.96 -10.19 1.62
C2 VL0 C . 15.02 -11.73 -0.10
C3 VL0 C . 14.51 -12.88 -0.68
C4 VL0 C . 14.91 -13.26 -1.93
C5 VL0 C . 15.79 -12.49 -2.65
C6 VL0 C . 16.30 -11.34 -2.10
C7 VL0 C . 15.92 -10.96 -0.81
O3 VL0 C . 16.43 -9.82 -0.25
S1 VL0 C . 14.24 -14.73 -2.60
O4 VL0 C . 15.00 -15.84 -2.11
O5 VL0 C . 14.19 -14.53 -4.02
N1 VL0 C . 12.79 -14.94 -1.82
C8 VL0 C . 11.53 -15.14 -2.42
C9 VL0 C . 11.17 -14.01 -3.10
C10 VL0 C . 10.02 -14.01 -3.86
C11 VL0 C . 9.22 -15.13 -3.96
C12 VL0 C . 9.61 -16.28 -3.30
C13 VL0 C . 10.75 -16.30 -2.52
C14 VL0 C . 8.02 -15.04 -4.86
C15 VL0 C . 8.49 -14.90 -6.30
C16 VL0 C . 9.86 -14.93 -6.61
C17 VL0 C . 10.26 -14.87 -7.93
C18 VL0 C . 9.32 -14.76 -8.97
C19 VL0 C . 7.97 -14.73 -8.66
C20 VL0 C . 7.57 -14.79 -7.33
C1 GOL D . 6.38 -6.85 5.75
O1 GOL D . 6.37 -6.20 4.47
C2 GOL D . 7.06 -8.21 5.69
O2 GOL D . 8.40 -8.12 6.16
C3 GOL D . 6.33 -9.30 6.45
O3 GOL D . 7.01 -10.54 6.40
ZN ZN E . 17.08 -9.36 1.12
O1 VL0 F . -4.55 10.00 -16.18
C1 VL0 F . -3.42 10.34 -15.81
O2 VL0 F . -2.32 9.87 -16.17
C2 VL0 F . -3.41 11.44 -14.84
C3 VL0 F . -2.45 12.44 -14.91
C4 VL0 F . -2.49 13.48 -14.02
C5 VL0 F . -3.47 13.52 -13.02
C6 VL0 F . -4.43 12.52 -12.92
C7 VL0 F . -4.40 11.47 -13.84
O3 VL0 F . -5.33 10.50 -13.75
S1 VL0 F . -1.32 14.77 -14.10
O4 VL0 F . -1.89 15.82 -14.88
O5 VL0 F . -0.05 14.25 -14.47
N1 VL0 F . -1.47 15.46 -12.62
C8 VL0 F . -0.59 15.34 -11.54
C9 VL0 F . -0.23 14.08 -11.14
C10 VL0 F . 0.68 13.93 -10.12
C11 VL0 F . 1.24 15.03 -9.50
C12 VL0 F . 0.88 16.30 -9.92
C13 VL0 F . -0.04 16.46 -10.93
C14 VL0 F . 2.33 14.84 -8.49
C15 VL0 F . 3.59 14.84 -9.31
C16 VL0 F . 4.84 14.83 -8.68
C17 VL0 F . 6.01 14.88 -9.43
C18 VL0 F . 5.96 14.96 -10.81
C19 VL0 F . 4.69 14.98 -11.45
C20 VL0 F . 3.53 14.90 -10.70
C1 GOL G . -2.23 27.25 11.18
O1 GOL G . -3.13 28.06 10.43
C2 GOL G . -1.40 26.32 10.30
O2 GOL G . -0.60 27.10 9.40
C3 GOL G . -0.52 25.36 11.07
O3 GOL G . 0.42 26.02 11.93
C1 GOL H . 0.84 17.11 -21.38
O1 GOL H . 0.80 15.81 -21.97
C2 GOL H . 1.64 17.14 -20.09
O2 GOL H . 2.10 18.47 -19.80
C3 GOL H . 0.89 16.60 -18.89
O3 GOL H . 1.80 16.59 -17.80
C1 GOL I . -8.16 9.46 -4.76
O1 GOL I . -8.44 9.57 -3.37
C2 GOL I . -8.18 8.02 -5.25
O2 GOL I . -7.92 8.00 -6.65
C3 GOL I . -7.21 7.11 -4.51
O3 GOL I . -6.60 6.12 -5.33
ZN ZN J . -5.46 9.25 -16.02
#